data_7TQA
#
_entry.id   7TQA
#
_cell.length_a   96.649
_cell.length_b   96.649
_cell.length_c   140.583
_cell.angle_alpha   90.000
_cell.angle_beta   90.000
_cell.angle_gamma   120.000
#
_symmetry.space_group_name_H-M   'P 31'
#
loop_
_entity.id
_entity.type
_entity.pdbx_description
1 polymer 'Fab S9.6 heavy chain'
2 polymer 'Fab S9.6 light chain'
3 non-polymer 'SULFATE ION'
4 non-polymer GLYCEROL
5 water water
#
loop_
_entity_poly.entity_id
_entity_poly.type
_entity_poly.pdbx_seq_one_letter_code
_entity_poly.pdbx_strand_id
1 'polypeptide(L)'
;EVQLQQSGPELVKPGASVKMSCKASGYTFTSYVMHWVKQKPGQGLEWIGFINLYNDGTKYNEKFKGKATLTSDKSSSTAY
MELSSLTSKDSAVYYCARDYYGSRWFDYWGQGTTLTVSSAKTTAPSVYPLAPVCGDTTGSSVTLGCLVKGYFPEPVTLTW
NSGSLSSGVHTFPAVLQSDLYTLSSSVTVTSSTWPSQSITCNVAHPASSTKVDKKISALPETGGGHHHHHH
;
H,C,A
2 'polypeptide(L)'
;DVLMTQTPLSLPVSLGDQASISCRSSQSIVHSNGNTYLEWYLQKPGQSPKLLIYKVSNRFSGVPDRFSGSGSGTDFTLKI
SRVEAEDLGVYYCFQGSHVPYTFGGGTKLEIKRADAAPTVSIFPPSSEQLTSGGASVVCFLNNFYPKDINVKWKIDGSEV
QNGVLNSWTDQDSKDSTYSMSSTLTLTKDEYERHNSYTCEATHKTSTSPIVKSFNRNEC
;
L,D,B
#
# COMPACT_ATOMS: atom_id res chain seq x y z
N GLU A 1 4.03 33.59 19.08
CA GLU A 1 5.12 32.61 19.24
C GLU A 1 6.09 32.69 18.08
N VAL A 2 7.36 32.46 18.38
CA VAL A 2 8.43 32.50 17.38
C VAL A 2 8.32 31.29 16.47
N GLN A 3 8.43 31.52 15.17
CA GLN A 3 8.42 30.41 14.21
C GLN A 3 9.53 30.61 13.20
N LEU A 4 10.28 29.55 12.98
CA LEU A 4 11.35 29.52 11.99
C LEU A 4 11.02 28.36 11.05
N GLN A 5 10.53 28.70 9.86
CA GLN A 5 10.07 27.72 8.89
C GLN A 5 11.12 27.61 7.78
N GLN A 6 11.81 26.48 7.74
CA GLN A 6 12.84 26.30 6.73
C GLN A 6 12.28 25.62 5.49
N SER A 7 12.94 25.89 4.36
CA SER A 7 12.61 25.18 3.14
C SER A 7 13.81 25.28 2.21
N GLY A 8 13.81 24.46 1.16
CA GLY A 8 14.90 24.38 0.21
C GLY A 8 15.00 23.00 -0.44
N PRO A 9 15.74 22.91 -1.54
CA PRO A 9 15.91 21.62 -2.22
C PRO A 9 16.62 20.61 -1.33
N GLU A 10 16.24 19.36 -1.46
CA GLU A 10 16.79 18.32 -0.61
C GLU A 10 17.78 17.41 -1.33
N LEU A 11 17.89 17.53 -2.65
CA LEU A 11 18.82 16.73 -3.42
C LEU A 11 19.45 17.61 -4.48
N VAL A 12 20.79 17.65 -4.51
CA VAL A 12 21.52 18.51 -5.42
C VAL A 12 22.75 17.76 -5.90
N LYS A 13 23.16 18.06 -7.14
CA LYS A 13 24.28 17.33 -7.73
C LYS A 13 25.60 17.91 -7.24
N PRO A 14 26.64 17.07 -7.19
CA PRO A 14 27.96 17.56 -6.80
C PRO A 14 28.43 18.68 -7.72
N GLY A 15 29.09 19.67 -7.12
CA GLY A 15 29.51 20.84 -7.86
C GLY A 15 28.44 21.87 -8.06
N ALA A 16 27.16 21.54 -7.81
CA ALA A 16 26.08 22.50 -7.96
C ALA A 16 25.94 23.35 -6.70
N SER A 17 25.07 24.35 -6.78
CA SER A 17 24.78 25.25 -5.66
C SER A 17 23.36 25.04 -5.18
N VAL A 18 23.10 25.41 -3.93
CA VAL A 18 21.75 25.38 -3.41
C VAL A 18 21.55 26.57 -2.49
N LYS A 19 20.33 27.07 -2.45
CA LYS A 19 19.99 28.16 -1.55
C LYS A 19 18.83 27.72 -0.70
N MET A 20 19.01 27.82 0.62
CA MET A 20 17.99 27.47 1.60
C MET A 20 17.39 28.73 2.17
N SER A 21 16.18 28.60 2.68
CA SER A 21 15.46 29.74 3.23
C SER A 21 14.96 29.43 4.63
N CYS A 22 14.69 30.52 5.35
CA CYS A 22 14.28 30.45 6.74
C CYS A 22 13.33 31.63 6.93
N LYS A 23 12.05 31.37 6.90
CA LYS A 23 11.05 32.43 7.01
C LYS A 23 10.70 32.59 8.49
N ALA A 24 11.01 33.75 9.05
CA ALA A 24 10.79 33.98 10.47
C ALA A 24 9.46 34.67 10.70
N SER A 25 8.80 34.32 11.82
CA SER A 25 7.57 35.02 12.16
C SER A 25 7.43 35.02 13.68
N GLY A 26 6.68 36.00 14.18
CA GLY A 26 6.44 36.12 15.60
C GLY A 26 7.35 37.07 16.34
N TYR A 27 8.18 37.83 15.62
CA TYR A 27 9.11 38.78 16.22
C TYR A 27 9.63 39.67 15.11
N THR A 28 10.23 40.79 15.52
CA THR A 28 10.67 41.84 14.58
C THR A 28 11.97 41.43 13.93
N PHE A 29 11.86 40.80 12.76
CA PHE A 29 12.99 40.17 12.06
C PHE A 29 14.24 41.03 12.06
N THR A 30 14.10 42.31 11.72
CA THR A 30 15.27 43.13 11.42
C THR A 30 16.06 43.54 12.65
N SER A 31 15.56 43.30 13.86
CA SER A 31 16.33 43.62 15.05
C SER A 31 17.21 42.48 15.55
N TYR A 32 17.32 41.37 14.83
CA TYR A 32 18.03 40.24 15.43
C TYR A 32 19.10 39.68 14.51
N VAL A 33 19.81 38.70 15.03
CA VAL A 33 20.84 37.96 14.34
C VAL A 33 20.30 36.56 14.05
N MET A 34 20.64 36.04 12.88
CA MET A 34 20.30 34.68 12.50
C MET A 34 21.57 33.86 12.39
N HIS A 35 21.61 32.72 13.06
CA HIS A 35 22.74 31.79 12.95
C HIS A 35 22.34 30.60 12.08
N TRP A 36 23.34 29.97 11.48
CA TRP A 36 23.15 28.73 10.75
C TRP A 36 24.07 27.65 11.32
N VAL A 37 23.53 26.44 11.43
CA VAL A 37 24.18 25.30 12.04
C VAL A 37 24.07 24.12 11.08
N LYS A 38 25.13 23.31 11.04
CA LYS A 38 25.19 22.13 10.21
C LYS A 38 25.29 20.88 11.09
N GLN A 39 24.61 19.82 10.68
CA GLN A 39 24.69 18.54 11.38
C GLN A 39 24.71 17.44 10.31
N LYS A 40 25.86 16.77 10.17
CA LYS A 40 25.92 15.64 9.27
C LYS A 40 25.16 14.46 9.89
N PRO A 41 24.57 13.60 9.08
CA PRO A 41 23.75 12.52 9.63
C PRO A 41 24.53 11.67 10.63
N GLY A 42 23.95 11.52 11.83
CA GLY A 42 24.60 10.78 12.90
C GLY A 42 25.77 11.47 13.55
N GLN A 43 25.97 12.78 13.36
CA GLN A 43 27.11 13.46 13.95
C GLN A 43 26.70 14.70 14.72
N GLY A 44 27.67 15.49 15.16
CA GLY A 44 27.41 16.61 16.03
C GLY A 44 26.96 17.86 15.29
N LEU A 45 27.05 18.99 16.00
CA LEU A 45 26.63 20.28 15.50
C LEU A 45 27.85 21.12 15.19
N GLU A 46 27.72 21.95 14.16
CA GLU A 46 28.80 22.81 13.69
C GLU A 46 28.23 24.18 13.37
N TRP A 47 28.86 25.22 13.88
CA TRP A 47 28.39 26.58 13.63
C TRP A 47 28.93 27.06 12.29
N ILE A 48 28.04 27.56 11.43
CA ILE A 48 28.49 28.05 10.13
C ILE A 48 28.79 29.54 10.16
N GLY A 49 27.96 30.32 10.85
CA GLY A 49 28.15 31.75 10.87
C GLY A 49 26.85 32.43 11.21
N PHE A 50 26.88 33.76 11.21
CA PHE A 50 25.66 34.49 11.48
C PHE A 50 25.56 35.73 10.60
N ILE A 51 24.34 36.23 10.48
CA ILE A 51 24.04 37.43 9.72
C ILE A 51 23.27 38.38 10.64
N ASN A 52 23.75 39.61 10.77
CA ASN A 52 23.05 40.65 11.51
C ASN A 52 21.94 41.20 10.62
N LEU A 53 20.70 40.87 10.93
CA LEU A 53 19.66 41.26 9.99
C LEU A 53 19.31 42.74 10.03
N TYR A 54 19.88 43.50 10.97
CA TYR A 54 19.64 44.93 10.96
C TYR A 54 20.50 45.64 9.92
N ASN A 55 21.77 45.24 9.80
CA ASN A 55 22.72 45.92 8.92
C ASN A 55 23.33 44.98 7.88
N ASP A 56 22.83 43.75 7.77
CA ASP A 56 23.25 42.75 6.79
C ASP A 56 24.72 42.35 6.94
N GLY A 57 25.37 42.75 8.03
CA GLY A 57 26.71 42.27 8.29
C GLY A 57 26.74 40.78 8.54
N THR A 58 27.82 40.15 8.11
CA THR A 58 27.96 38.72 8.27
C THR A 58 29.27 38.39 8.99
N LYS A 59 29.27 37.22 9.60
CA LYS A 59 30.45 36.66 10.24
C LYS A 59 30.43 35.17 10.03
N TYR A 60 31.56 34.61 9.58
CA TYR A 60 31.62 33.21 9.21
C TYR A 60 32.64 32.44 10.03
N ASN A 61 32.31 31.16 10.29
CA ASN A 61 33.34 30.18 10.59
C ASN A 61 34.25 30.09 9.37
N GLU A 62 35.56 30.32 9.57
CA GLU A 62 36.58 30.27 8.52
C GLU A 62 36.43 29.07 7.60
N LYS A 63 36.19 27.91 8.21
CA LYS A 63 35.94 26.67 7.50
C LYS A 63 34.81 26.78 6.47
N PHE A 64 33.88 27.71 6.64
CA PHE A 64 32.77 27.84 5.71
C PHE A 64 32.87 29.07 4.83
N LYS A 65 33.94 29.86 4.97
CA LYS A 65 34.13 30.98 4.05
C LYS A 65 34.35 30.43 2.64
N GLY A 66 33.62 30.99 1.68
CA GLY A 66 33.68 30.46 0.33
C GLY A 66 32.79 29.27 0.07
N LYS A 67 32.20 28.69 1.10
CA LYS A 67 31.21 27.64 0.95
C LYS A 67 29.81 28.15 1.21
N ALA A 68 29.68 29.07 2.16
CA ALA A 68 28.39 29.56 2.63
C ALA A 68 28.26 31.06 2.39
N THR A 69 27.08 31.50 1.95
CA THR A 69 26.77 32.91 1.88
C THR A 69 25.43 33.14 2.55
N LEU A 70 25.40 34.03 3.54
CA LEU A 70 24.19 34.38 4.25
C LEU A 70 23.64 35.66 3.66
N THR A 71 22.33 35.67 3.39
CA THR A 71 21.62 36.85 2.94
C THR A 71 20.26 36.87 3.63
N SER A 72 19.51 37.96 3.45
CA SER A 72 18.15 37.99 3.96
C SER A 72 17.29 38.93 3.11
N ASP A 73 15.99 38.82 3.29
CA ASP A 73 15.00 39.68 2.64
C ASP A 73 14.16 40.29 3.76
N LYS A 74 14.41 41.57 4.06
CA LYS A 74 13.74 42.16 5.21
C LYS A 74 12.25 42.37 4.93
N SER A 75 11.87 42.56 3.67
CA SER A 75 10.45 42.77 3.35
C SER A 75 9.60 41.53 3.64
N SER A 76 10.18 40.33 3.56
CA SER A 76 9.47 39.08 3.82
C SER A 76 10.00 38.32 5.02
N SER A 77 10.91 38.91 5.80
CA SER A 77 11.42 38.30 7.05
C SER A 77 11.97 36.90 6.79
N THR A 78 12.73 36.76 5.72
N THR A 78 12.77 36.78 5.74
CA THR A 78 13.30 35.48 5.32
CA THR A 78 13.30 35.50 5.31
C THR A 78 14.82 35.62 5.25
C THR A 78 14.82 35.60 5.22
N ALA A 79 15.51 34.69 5.89
CA ALA A 79 16.96 34.61 5.86
C ALA A 79 17.34 33.52 4.88
N TYR A 80 18.40 33.72 4.13
CA TYR A 80 18.82 32.69 3.18
C TYR A 80 20.26 32.25 3.43
N MET A 81 20.54 31.01 3.08
CA MET A 81 21.90 30.53 3.02
C MET A 81 22.14 29.82 1.70
N GLU A 82 23.17 30.26 0.99
CA GLU A 82 23.57 29.60 -0.23
C GLU A 82 24.82 28.78 0.05
N LEU A 83 24.79 27.53 -0.38
CA LEU A 83 25.94 26.64 -0.35
C LEU A 83 26.39 26.44 -1.79
N SER A 84 27.66 26.69 -2.04
CA SER A 84 28.19 26.58 -3.39
C SER A 84 29.11 25.38 -3.51
N SER A 85 29.25 24.89 -4.75
CA SER A 85 30.18 23.81 -5.10
C SER A 85 30.07 22.63 -4.14
N LEU A 86 28.87 22.05 -4.10
CA LEU A 86 28.60 21.05 -3.08
C LEU A 86 29.33 19.74 -3.38
N THR A 87 29.70 19.05 -2.31
CA THR A 87 30.23 17.70 -2.33
C THR A 87 29.47 16.89 -1.29
N SER A 88 29.79 15.59 -1.20
CA SER A 88 29.13 14.71 -0.26
C SER A 88 29.40 15.11 1.18
N LYS A 89 30.49 15.83 1.44
CA LYS A 89 30.73 16.32 2.79
C LYS A 89 29.78 17.43 3.20
N ASP A 90 29.02 17.98 2.25
CA ASP A 90 28.00 18.96 2.53
C ASP A 90 26.64 18.34 2.75
N SER A 91 26.52 17.02 2.56
CA SER A 91 25.27 16.35 2.90
C SER A 91 25.05 16.45 4.41
N ALA A 92 23.98 17.13 4.81
CA ALA A 92 23.75 17.35 6.22
C ALA A 92 22.36 17.93 6.40
N VAL A 93 21.95 18.10 7.65
CA VAL A 93 20.80 18.92 7.99
C VAL A 93 21.33 20.30 8.33
N TYR A 94 20.66 21.33 7.85
CA TYR A 94 21.07 22.70 8.09
C TYR A 94 19.96 23.41 8.84
N TYR A 95 20.30 24.03 9.96
CA TYR A 95 19.35 24.73 10.80
C TYR A 95 19.66 26.23 10.77
N CYS A 96 18.62 27.03 10.63
CA CYS A 96 18.78 28.41 11.03
C CYS A 96 18.34 28.54 12.48
N ALA A 97 18.74 29.61 13.13
CA ALA A 97 18.40 29.74 14.53
C ALA A 97 18.49 31.20 14.94
N ARG A 98 17.53 31.64 15.73
CA ARG A 98 17.50 33.02 16.14
C ARG A 98 18.42 33.28 17.31
N ASP A 99 19.12 34.41 17.25
CA ASP A 99 19.85 34.96 18.37
C ASP A 99 19.02 36.10 18.97
N TYR A 100 18.51 35.89 20.18
CA TYR A 100 17.59 36.87 20.74
C TYR A 100 18.32 38.04 21.40
N TYR A 101 19.42 37.77 22.10
CA TYR A 101 20.06 38.80 22.91
C TYR A 101 21.26 39.45 22.27
N GLY A 102 21.76 38.92 21.17
CA GLY A 102 23.02 39.42 20.65
C GLY A 102 23.45 38.68 19.40
N SER A 103 24.67 38.15 19.42
CA SER A 103 25.21 37.38 18.31
C SER A 103 26.06 36.20 18.79
N ARG A 104 25.78 35.66 19.98
CA ARG A 104 26.66 34.68 20.57
C ARG A 104 25.98 33.39 20.98
N TRP A 105 24.66 33.31 20.92
CA TRP A 105 24.01 32.04 21.20
C TRP A 105 22.58 32.15 20.73
N PHE A 106 21.97 31.03 20.46
CA PHE A 106 20.69 31.01 19.78
C PHE A 106 19.64 30.35 20.66
N ASP A 107 18.39 30.82 20.57
CA ASP A 107 17.33 30.22 21.36
C ASP A 107 16.44 29.33 20.52
N TYR A 108 15.75 29.87 19.53
CA TYR A 108 14.82 29.09 18.73
C TYR A 108 15.49 28.64 17.45
N TRP A 109 15.22 27.42 17.06
CA TRP A 109 15.80 26.81 15.88
C TRP A 109 14.71 26.45 14.88
N GLY A 110 15.03 26.58 13.61
CA GLY A 110 14.18 26.03 12.58
C GLY A 110 14.14 24.52 12.67
N GLN A 111 13.29 23.94 11.83
CA GLN A 111 13.15 22.49 11.85
C GLN A 111 14.23 21.81 11.03
N GLY A 112 15.04 22.58 10.32
CA GLY A 112 16.14 22.06 9.54
C GLY A 112 15.75 21.74 8.11
N THR A 113 16.74 21.81 7.22
CA THR A 113 16.59 21.37 5.85
C THR A 113 17.55 20.22 5.63
N THR A 114 17.02 19.09 5.17
N THR A 114 17.03 19.09 5.17
CA THR A 114 17.84 17.90 4.93
CA THR A 114 17.83 17.90 4.93
C THR A 114 18.39 17.97 3.51
C THR A 114 18.39 17.95 3.51
N LEU A 115 19.70 17.98 3.38
CA LEU A 115 20.37 18.13 2.09
C LEU A 115 21.24 16.92 1.79
N THR A 116 20.95 16.26 0.66
CA THR A 116 21.79 15.19 0.13
C THR A 116 22.48 15.67 -1.13
N VAL A 117 23.79 15.42 -1.22
CA VAL A 117 24.59 15.76 -2.40
C VAL A 117 24.92 14.46 -3.11
N SER A 118 24.43 14.30 -4.34
CA SER A 118 24.56 13.02 -5.00
C SER A 118 24.13 13.15 -6.45
N SER A 119 24.75 12.32 -7.31
CA SER A 119 24.37 12.24 -8.72
C SER A 119 23.14 11.37 -8.94
N ALA A 120 22.80 10.50 -7.99
CA ALA A 120 21.64 9.64 -8.16
C ALA A 120 20.37 10.48 -8.27
N LYS A 121 19.47 10.07 -9.15
CA LYS A 121 18.26 10.81 -9.39
C LYS A 121 17.19 10.47 -8.37
N THR A 122 16.23 11.36 -8.23
CA THR A 122 15.11 11.10 -7.34
C THR A 122 14.38 9.83 -7.77
N THR A 123 13.72 9.19 -6.81
CA THR A 123 13.01 7.94 -7.06
C THR A 123 11.80 7.88 -6.15
N ALA A 124 10.62 7.82 -6.75
CA ALA A 124 9.41 7.73 -5.95
C ALA A 124 9.37 6.39 -5.23
N PRO A 125 8.85 6.34 -4.01
CA PRO A 125 8.74 5.07 -3.29
C PRO A 125 7.48 4.32 -3.67
N SER A 126 7.59 3.00 -3.63
CA SER A 126 6.41 2.14 -3.68
C SER A 126 5.89 2.01 -2.25
N VAL A 127 4.65 2.42 -2.04
CA VAL A 127 4.00 2.27 -0.74
C VAL A 127 3.17 0.98 -0.77
N TYR A 128 3.38 0.12 0.22
CA TYR A 128 2.74 -1.17 0.28
C TYR A 128 2.03 -1.35 1.61
N PRO A 129 0.79 -1.81 1.63
CA PRO A 129 0.09 -2.01 2.90
C PRO A 129 0.48 -3.35 3.50
N LEU A 130 0.52 -3.38 4.82
CA LEU A 130 0.87 -4.60 5.56
C LEU A 130 -0.30 -4.99 6.45
N ALA A 131 -0.89 -6.14 6.17
CA ALA A 131 -1.99 -6.64 6.97
C ALA A 131 -1.74 -8.08 7.36
N PRO A 132 -2.30 -8.53 8.50
CA PRO A 132 -2.20 -9.91 8.98
C PRO A 132 -2.62 -10.94 7.94
N THR A 137 -6.61 -11.60 10.98
CA THR A 137 -7.49 -11.42 12.12
C THR A 137 -6.90 -12.02 13.40
N THR A 138 -5.87 -11.39 13.95
CA THR A 138 -5.11 -11.94 15.08
C THR A 138 -5.39 -11.14 16.34
N GLY A 139 -6.05 -11.79 17.31
CA GLY A 139 -6.24 -11.21 18.64
C GLY A 139 -7.00 -9.88 18.65
N SER A 140 -7.17 -9.34 19.86
CA SER A 140 -7.87 -8.07 20.07
C SER A 140 -6.99 -6.86 19.85
N SER A 141 -5.67 -7.03 19.87
CA SER A 141 -4.79 -5.99 19.38
C SER A 141 -4.38 -6.33 17.95
N VAL A 142 -4.23 -5.28 17.14
CA VAL A 142 -3.98 -5.43 15.71
C VAL A 142 -2.81 -4.54 15.33
N THR A 143 -1.86 -5.10 14.58
CA THR A 143 -0.70 -4.36 14.10
C THR A 143 -0.70 -4.44 12.58
N LEU A 144 -0.84 -3.29 11.93
CA LEU A 144 -0.77 -3.19 10.49
C LEU A 144 0.47 -2.40 10.10
N GLY A 145 0.95 -2.64 8.88
CA GLY A 145 2.20 -2.06 8.48
C GLY A 145 2.12 -1.22 7.24
N CYS A 146 3.15 -0.39 7.02
N CYS A 146 3.12 -0.38 7.05
CA CYS A 146 3.25 0.48 5.85
CA CYS A 146 3.26 0.47 5.87
C CYS A 146 4.70 0.47 5.38
C CYS A 146 4.72 0.37 5.46
N LEU A 147 4.98 -0.33 4.35
CA LEU A 147 6.32 -0.45 3.81
C LEU A 147 6.51 0.54 2.66
N VAL A 148 7.42 1.48 2.84
CA VAL A 148 7.75 2.50 1.85
C VAL A 148 9.10 2.09 1.26
N LYS A 149 9.07 1.44 0.11
CA LYS A 149 10.23 0.73 -0.40
C LYS A 149 10.79 1.40 -1.65
N GLY A 150 12.12 1.45 -1.72
CA GLY A 150 12.84 1.89 -2.89
C GLY A 150 12.66 3.35 -3.27
N TYR A 151 13.03 4.26 -2.37
CA TYR A 151 12.95 5.67 -2.66
C TYR A 151 14.31 6.32 -2.46
N PHE A 152 14.45 7.52 -3.02
CA PHE A 152 15.65 8.34 -2.87
C PHE A 152 15.30 9.78 -3.26
N PRO A 153 15.78 10.80 -2.52
CA PRO A 153 16.57 10.72 -1.28
C PRO A 153 15.72 10.78 -0.01
N GLU A 154 16.40 10.71 1.13
CA GLU A 154 15.79 11.16 2.37
C GLU A 154 15.37 12.62 2.19
N PRO A 155 14.33 13.07 2.91
CA PRO A 155 13.51 12.33 3.86
C PRO A 155 12.16 11.93 3.29
N VAL A 156 11.35 11.35 4.17
CA VAL A 156 9.94 11.13 3.91
C VAL A 156 9.22 11.39 5.21
N THR A 157 7.94 11.71 5.10
CA THR A 157 7.08 11.88 6.26
C THR A 157 5.97 10.84 6.16
N LEU A 158 5.73 10.13 7.24
CA LEU A 158 4.73 9.08 7.26
C LEU A 158 3.79 9.34 8.43
N THR A 159 2.51 9.20 8.18
CA THR A 159 1.50 9.41 9.22
C THR A 159 0.42 8.37 9.02
N TRP A 160 -0.45 8.25 10.02
CA TRP A 160 -1.58 7.36 9.95
C TRP A 160 -2.84 8.16 10.22
N ASN A 161 -3.82 8.03 9.33
CA ASN A 161 -5.06 8.80 9.43
C ASN A 161 -4.74 10.28 9.68
N SER A 162 -3.95 10.85 8.77
CA SER A 162 -3.60 12.27 8.78
C SER A 162 -3.11 12.72 10.15
N GLY A 163 -2.26 11.89 10.76
CA GLY A 163 -1.76 12.19 12.08
C GLY A 163 -2.74 11.96 13.20
N SER A 164 -3.91 11.37 12.90
CA SER A 164 -4.89 11.11 13.95
C SER A 164 -4.36 10.07 14.95
N LEU A 165 -3.71 9.03 14.44
CA LEU A 165 -3.13 7.98 15.28
C LEU A 165 -1.67 8.31 15.56
N SER A 166 -1.35 8.51 16.84
CA SER A 166 -0.01 8.89 17.27
C SER A 166 0.61 7.87 18.22
N SER A 167 -0.09 7.54 19.31
CA SER A 167 0.52 6.75 20.37
C SER A 167 1.14 5.46 19.85
N GLY A 168 0.31 4.56 19.32
CA GLY A 168 0.76 3.22 18.98
C GLY A 168 1.48 3.06 17.66
N VAL A 169 2.32 4.03 17.31
CA VAL A 169 3.06 4.03 16.04
C VAL A 169 4.54 3.84 16.32
N HIS A 170 5.17 3.01 15.50
CA HIS A 170 6.62 2.98 15.40
C HIS A 170 6.96 3.12 13.93
N THR A 171 7.61 4.22 13.58
CA THR A 171 8.18 4.40 12.26
C THR A 171 9.67 4.11 12.34
N PHE A 172 10.15 3.27 11.45
CA PHE A 172 11.56 2.99 11.61
C PHE A 172 12.40 3.83 10.67
N PRO A 173 13.55 4.29 11.14
CA PRO A 173 14.45 5.06 10.28
C PRO A 173 14.76 4.29 9.00
N ALA A 174 14.77 5.02 7.88
CA ALA A 174 15.06 4.41 6.59
C ALA A 174 16.44 3.79 6.58
N VAL A 175 16.61 2.78 5.74
CA VAL A 175 17.88 2.10 5.57
C VAL A 175 18.19 2.08 4.08
N LEU A 176 19.46 2.27 3.75
CA LEU A 176 19.88 2.34 2.37
C LEU A 176 20.50 1.00 1.97
N GLN A 177 19.90 0.36 0.98
CA GLN A 177 20.46 -0.83 0.37
C GLN A 177 19.97 -0.87 -1.08
N SER A 178 20.89 -1.14 -1.99
CA SER A 178 20.68 -1.08 -3.43
C SER A 178 20.82 0.35 -3.92
N ASP A 179 21.32 1.26 -3.08
CA ASP A 179 21.35 2.69 -3.36
C ASP A 179 19.97 3.32 -3.27
N LEU A 180 19.03 2.64 -2.61
CA LEU A 180 17.69 3.18 -2.36
C LEU A 180 17.33 2.98 -0.90
N TYR A 181 16.52 3.89 -0.39
CA TYR A 181 16.08 3.81 1.00
C TYR A 181 14.76 3.05 1.08
N THR A 182 14.64 2.23 2.12
CA THR A 182 13.41 1.56 2.45
C THR A 182 13.05 1.89 3.89
N LEU A 183 11.83 2.36 4.08
CA LEU A 183 11.31 2.71 5.39
C LEU A 183 10.09 1.86 5.68
N SER A 184 9.75 1.73 6.96
CA SER A 184 8.49 1.07 7.30
C SER A 184 7.97 1.68 8.59
N SER A 185 6.67 1.51 8.80
CA SER A 185 6.02 1.99 10.00
C SER A 185 4.96 0.97 10.39
N SER A 186 4.85 0.71 11.68
CA SER A 186 3.81 -0.17 12.19
C SER A 186 2.87 0.64 13.09
N VAL A 187 1.63 0.17 13.18
CA VAL A 187 0.60 0.82 13.97
C VAL A 187 -0.19 -0.26 14.69
N THR A 188 -0.29 -0.16 16.01
CA THR A 188 -1.05 -1.10 16.83
C THR A 188 -2.22 -0.34 17.43
N VAL A 189 -3.43 -0.82 17.18
CA VAL A 189 -4.64 -0.14 17.60
C VAL A 189 -5.48 -1.05 18.49
N THR A 190 -6.24 -0.40 19.37
CA THR A 190 -7.10 -1.08 20.32
C THR A 190 -8.15 -1.93 19.60
N SER A 191 -8.89 -2.72 20.39
CA SER A 191 -10.01 -3.46 19.85
C SER A 191 -11.09 -2.53 19.33
N SER A 192 -11.16 -1.31 19.85
CA SER A 192 -12.12 -0.29 19.41
C SER A 192 -11.67 0.33 18.09
N THR A 193 -11.55 -0.54 17.09
CA THR A 193 -11.18 -0.14 15.72
C THR A 193 -11.20 -1.37 14.83
N TRP A 194 -10.97 -1.16 13.55
CA TRP A 194 -10.93 -2.30 12.65
C TRP A 194 -9.52 -2.50 12.12
N PRO A 195 -9.15 -3.72 11.74
CA PRO A 195 -7.87 -3.97 11.07
C PRO A 195 -7.91 -3.58 9.59
N SER A 196 -8.46 -2.41 9.31
CA SER A 196 -8.75 -1.99 7.95
C SER A 196 -7.57 -2.18 7.03
N GLN A 197 -7.71 -3.07 6.05
CA GLN A 197 -6.72 -3.19 4.99
C GLN A 197 -6.48 -1.80 4.42
N SER A 198 -5.25 -1.30 4.56
CA SER A 198 -4.94 0.09 4.21
C SER A 198 -5.73 1.05 5.12
N ILE A 199 -5.38 1.00 6.41
CA ILE A 199 -5.92 1.91 7.43
C ILE A 199 -5.44 3.32 7.12
N THR A 200 -4.78 3.46 5.97
CA THR A 200 -4.31 4.74 5.45
C THR A 200 -3.16 5.38 6.22
N CYS A 201 -1.97 4.80 6.06
CA CYS A 201 -0.75 5.56 6.28
C CYS A 201 -0.63 6.62 5.17
N ASN A 202 -0.03 7.75 5.54
CA ASN A 202 0.12 8.89 4.64
C ASN A 202 1.61 9.10 4.39
N VAL A 203 2.05 8.80 3.17
CA VAL A 203 3.45 8.89 2.77
C VAL A 203 3.63 10.13 1.88
N ALA A 204 4.66 10.93 2.20
CA ALA A 204 5.01 12.11 1.41
C ALA A 204 6.51 12.07 1.15
N HIS A 205 6.89 12.08 -0.13
CA HIS A 205 8.28 12.14 -0.55
C HIS A 205 8.49 13.43 -1.35
N PRO A 206 8.52 14.59 -0.67
CA PRO A 206 8.61 15.87 -1.41
C PRO A 206 9.67 15.89 -2.50
N ALA A 207 10.81 15.23 -2.32
CA ALA A 207 11.86 15.24 -3.33
C ALA A 207 11.34 14.80 -4.70
N SER A 208 10.34 13.92 -4.73
CA SER A 208 9.73 13.49 -5.97
C SER A 208 8.27 13.91 -6.03
N SER A 209 7.83 14.72 -5.08
CA SER A 209 6.48 15.28 -5.06
C SER A 209 5.40 14.21 -4.98
N THR A 210 5.66 13.15 -4.21
CA THR A 210 4.70 12.07 -4.03
C THR A 210 3.92 12.28 -2.75
N LYS A 211 2.58 12.26 -2.85
CA LYS A 211 1.70 12.27 -1.70
C LYS A 211 0.71 11.12 -1.91
N VAL A 212 0.87 10.05 -1.12
CA VAL A 212 0.14 8.81 -1.31
C VAL A 212 -0.65 8.47 -0.05
N ASP A 213 -1.81 7.86 -0.25
CA ASP A 213 -2.65 7.34 0.83
C ASP A 213 -3.00 5.90 0.48
N LYS A 214 -2.52 4.96 1.27
CA LYS A 214 -2.72 3.54 0.95
C LYS A 214 -2.87 2.73 2.22
N ASP B 1 40.76 26.64 16.68
CA ASP B 1 39.43 26.81 17.25
C ASP B 1 39.37 26.28 18.68
N VAL B 2 38.38 26.71 19.45
CA VAL B 2 38.26 26.24 20.83
C VAL B 2 37.69 24.83 20.82
N LEU B 3 38.44 23.90 21.39
CA LEU B 3 37.99 22.53 21.54
C LEU B 3 37.03 22.43 22.70
N MET B 4 35.91 21.78 22.48
CA MET B 4 34.93 21.53 23.52
C MET B 4 34.86 20.03 23.66
N THR B 5 35.31 19.52 24.81
CA THR B 5 35.32 18.09 25.04
C THR B 5 34.26 17.71 26.06
N GLN B 6 33.39 16.81 25.66
CA GLN B 6 32.24 16.41 26.44
C GLN B 6 32.53 15.03 27.01
N THR B 7 32.27 14.87 28.31
CA THR B 7 32.48 13.61 28.99
C THR B 7 31.29 13.33 29.91
N PRO B 8 30.73 12.11 29.87
CA PRO B 8 31.14 11.01 29.00
C PRO B 8 30.55 11.12 27.59
N LEU B 9 30.73 10.10 26.75
CA LEU B 9 30.14 10.08 25.42
C LEU B 9 28.72 9.52 25.46
N SER B 10 28.51 8.48 26.26
CA SER B 10 27.22 7.82 26.44
C SER B 10 27.02 7.63 27.93
N LEU B 11 25.81 7.98 28.40
CA LEU B 11 25.51 7.98 29.82
C LEU B 11 24.21 7.22 30.05
N PRO B 12 24.29 5.95 30.44
CA PRO B 12 23.08 5.19 30.76
C PRO B 12 22.67 5.53 32.19
N VAL B 13 21.43 5.99 32.35
CA VAL B 13 20.89 6.36 33.66
C VAL B 13 19.53 5.68 33.85
N SER B 14 19.23 5.36 35.10
CA SER B 14 17.92 4.87 35.47
C SER B 14 16.99 6.05 35.78
N LEU B 15 15.69 5.85 35.52
CA LEU B 15 14.73 6.88 35.90
C LEU B 15 14.89 7.24 37.36
N GLY B 16 14.85 8.55 37.64
CA GLY B 16 15.02 9.02 38.99
C GLY B 16 16.45 9.29 39.38
N ASP B 17 17.39 8.59 38.77
CA ASP B 17 18.80 8.82 39.07
C ASP B 17 19.17 10.27 38.73
N GLN B 18 20.25 10.74 39.34
CA GLN B 18 20.84 11.99 38.90
C GLN B 18 21.78 11.71 37.72
N ALA B 19 21.96 12.72 36.87
CA ALA B 19 22.84 12.60 35.71
C ALA B 19 23.72 13.82 35.64
N SER B 20 25.00 13.58 35.39
CA SER B 20 26.02 14.63 35.36
C SER B 20 26.75 14.54 34.03
N ILE B 21 26.74 15.62 33.26
CA ILE B 21 27.48 15.71 32.02
C ILE B 21 28.49 16.83 32.18
N SER B 22 29.73 16.57 31.79
CA SER B 22 30.80 17.53 31.88
C SER B 22 31.23 17.97 30.48
N CYS B 23 31.79 19.17 30.44
CA CYS B 23 32.27 19.82 29.24
C CYS B 23 33.50 20.62 29.61
N ARG B 24 34.57 20.47 28.86
CA ARG B 24 35.82 21.17 29.11
C ARG B 24 36.26 21.83 27.81
N SER B 25 36.65 23.09 27.89
CA SER B 25 37.06 23.84 26.73
C SER B 25 38.58 23.97 26.73
N SER B 26 39.18 23.96 25.54
CA SER B 26 40.63 24.13 25.45
C SER B 26 41.04 25.53 25.89
N GLN B 27 40.15 26.49 25.81
CA GLN B 27 40.42 27.87 26.20
C GLN B 27 39.32 28.35 27.13
N SER B 28 39.65 29.30 28.00
CA SER B 28 38.62 29.85 28.88
C SER B 28 37.47 30.39 28.04
N ILE B 29 36.25 30.02 28.41
CA ILE B 29 35.05 30.52 27.75
C ILE B 29 34.71 31.88 28.36
N VAL B 30 35.59 32.40 29.21
CA VAL B 30 35.43 33.75 29.76
C VAL B 30 35.88 34.75 28.72
N HIS B 31 34.93 35.51 28.19
CA HIS B 31 35.23 36.55 27.21
C HIS B 31 36.01 37.68 27.86
N SER B 32 36.62 38.53 27.03
CA SER B 32 37.29 39.72 27.53
C SER B 32 36.34 40.59 28.35
N ASN B 33 35.11 40.79 27.86
CA ASN B 33 34.13 41.60 28.57
C ASN B 33 33.66 40.98 29.88
N GLY B 34 34.25 39.87 30.31
CA GLY B 34 33.88 39.27 31.57
C GLY B 34 32.73 38.29 31.52
N ASN B 35 32.04 38.17 30.39
CA ASN B 35 30.94 37.22 30.28
C ASN B 35 31.43 35.83 29.84
N THR B 36 30.73 34.81 30.31
N THR B 36 30.75 34.80 30.32
CA THR B 36 31.01 33.42 29.97
CA THR B 36 31.03 33.42 29.96
C THR B 36 29.83 32.89 29.16
C THR B 36 29.84 32.89 29.16
N TYR B 37 29.98 32.89 27.83
CA TYR B 37 28.89 32.54 26.91
C TYR B 37 28.84 31.05 26.65
N LEU B 38 28.53 30.29 27.68
CA LEU B 38 28.52 28.84 27.60
C LEU B 38 27.08 28.35 27.67
N GLU B 39 26.63 27.66 26.62
CA GLU B 39 25.27 27.16 26.54
C GLU B 39 25.25 25.65 26.55
N TRP B 40 24.08 25.11 26.89
CA TRP B 40 23.76 23.70 26.76
C TRP B 40 22.53 23.58 25.89
N TYR B 41 22.58 22.66 24.94
CA TYR B 41 21.47 22.34 24.05
C TYR B 41 21.14 20.86 24.15
N LEU B 42 19.86 20.56 23.95
CA LEU B 42 19.38 19.20 23.95
C LEU B 42 18.71 18.90 22.62
N GLN B 43 19.14 17.82 21.98
CA GLN B 43 18.54 17.37 20.74
C GLN B 43 17.89 16.03 21.02
N LYS B 44 16.58 16.00 20.93
CA LYS B 44 15.89 14.73 21.07
C LYS B 44 15.77 14.06 19.70
N PRO B 45 15.56 12.75 19.67
CA PRO B 45 15.50 12.05 18.39
C PRO B 45 14.49 12.65 17.44
N GLY B 46 14.92 12.90 16.19
CA GLY B 46 14.05 13.43 15.17
C GLY B 46 13.64 14.87 15.34
N GLN B 47 14.38 15.66 16.11
CA GLN B 47 13.99 17.03 16.36
C GLN B 47 15.19 17.95 16.33
N SER B 48 14.91 19.23 16.19
CA SER B 48 15.97 20.22 16.31
C SER B 48 16.43 20.36 17.74
N PRO B 49 17.64 20.85 17.94
CA PRO B 49 18.11 21.13 19.30
C PRO B 49 17.25 22.20 19.95
N LYS B 50 17.15 22.14 21.27
CA LYS B 50 16.46 23.13 22.07
C LYS B 50 17.41 23.67 23.14
N LEU B 51 17.41 24.98 23.35
CA LEU B 51 18.22 25.60 24.38
C LEU B 51 17.77 25.15 25.76
N LEU B 52 18.71 24.72 26.59
CA LEU B 52 18.40 24.38 27.97
C LEU B 52 18.94 25.41 28.93
N ILE B 53 20.18 25.80 28.74
CA ILE B 53 20.94 26.66 29.64
C ILE B 53 21.76 27.61 28.80
N TYR B 54 21.71 28.87 29.19
CA TYR B 54 22.53 29.92 28.54
C TYR B 54 23.38 30.57 29.63
N LYS B 55 24.53 31.11 29.25
CA LYS B 55 25.41 31.83 30.20
C LYS B 55 25.76 30.98 31.42
N VAL B 56 26.12 29.70 31.21
CA VAL B 56 26.57 28.74 32.26
C VAL B 56 25.45 28.23 33.15
N SER B 57 24.69 29.11 33.80
CA SER B 57 23.71 28.67 34.82
C SER B 57 22.26 29.08 34.54
N ASN B 58 21.97 29.94 33.56
CA ASN B 58 20.61 30.44 33.42
C ASN B 58 19.72 29.45 32.67
N ARG B 59 18.60 29.08 33.27
CA ARG B 59 17.64 28.20 32.61
C ARG B 59 16.79 29.00 31.62
N PHE B 60 16.49 28.39 30.49
CA PHE B 60 15.72 29.04 29.45
C PHE B 60 14.23 28.81 29.69
N SER B 61 13.44 29.74 29.17
CA SER B 61 11.99 29.70 29.33
C SER B 61 11.45 28.28 29.25
N GLY B 62 10.77 27.86 30.32
CA GLY B 62 10.08 26.58 30.32
C GLY B 62 10.94 25.35 30.52
N VAL B 63 12.17 25.49 30.99
CA VAL B 63 13.06 24.36 31.22
C VAL B 63 12.93 23.93 32.67
N PRO B 64 12.58 22.67 32.93
CA PRO B 64 12.40 22.19 34.32
C PRO B 64 13.52 22.53 35.26
N ASP B 65 13.21 22.52 36.57
CA ASP B 65 14.21 22.86 37.59
C ASP B 65 15.27 21.78 37.73
N ARG B 66 14.94 20.54 37.38
CA ARG B 66 15.90 19.46 37.53
C ARG B 66 17.14 19.63 36.63
N PHE B 67 17.08 20.53 35.65
CA PHE B 67 18.25 20.83 34.81
C PHE B 67 19.03 21.98 35.43
N SER B 68 20.28 21.69 35.83
CA SER B 68 21.16 22.69 36.44
C SER B 68 22.46 22.78 35.67
N GLY B 69 22.98 23.97 35.58
CA GLY B 69 24.25 24.20 34.91
C GLY B 69 25.19 24.98 35.80
N SER B 70 26.46 24.59 35.79
CA SER B 70 27.45 25.26 36.61
C SER B 70 28.81 25.05 35.98
N GLY B 71 29.80 25.71 36.57
CA GLY B 71 31.16 25.68 36.11
C GLY B 71 31.70 27.07 35.99
N SER B 72 32.94 27.15 35.51
CA SER B 72 33.63 28.42 35.36
C SER B 72 34.89 28.16 34.53
N GLY B 73 35.20 29.09 33.65
CA GLY B 73 36.46 29.12 32.93
C GLY B 73 36.58 28.10 31.82
N THR B 74 36.93 26.87 32.19
CA THR B 74 37.05 25.78 31.23
C THR B 74 36.32 24.51 31.66
N ASP B 75 35.70 24.45 32.84
CA ASP B 75 35.05 23.22 33.27
C ASP B 75 33.59 23.50 33.62
N PHE B 76 32.69 22.84 32.91
CA PHE B 76 31.27 23.06 33.10
C PHE B 76 30.55 21.76 33.26
N THR B 77 29.41 21.82 33.94
CA THR B 77 28.62 20.64 34.19
C THR B 77 27.15 20.95 33.99
N LEU B 78 26.46 20.01 33.38
CA LEU B 78 25.02 20.02 33.33
C LEU B 78 24.55 18.87 34.20
N LYS B 79 23.63 19.16 35.12
CA LYS B 79 23.10 18.16 36.04
C LYS B 79 21.61 18.03 35.82
N ILE B 80 21.16 16.80 35.59
CA ILE B 80 19.73 16.48 35.60
C ILE B 80 19.47 15.77 36.93
N SER B 81 18.95 16.51 37.90
CA SER B 81 18.76 15.95 39.24
C SER B 81 17.99 14.64 39.20
N ARG B 82 16.76 14.66 38.69
CA ARG B 82 15.94 13.45 38.64
C ARG B 82 15.58 13.18 37.18
N VAL B 83 16.12 12.11 36.63
CA VAL B 83 16.03 11.86 35.21
C VAL B 83 14.66 11.31 34.86
N GLU B 84 14.10 11.80 33.76
CA GLU B 84 12.80 11.37 33.29
C GLU B 84 12.92 10.74 31.90
N ALA B 85 11.95 9.87 31.60
CA ALA B 85 11.98 9.12 30.35
C ALA B 85 12.09 10.04 29.14
N GLU B 86 11.54 11.26 29.21
CA GLU B 86 11.60 12.20 28.10
C GLU B 86 12.92 12.95 28.03
N ASP B 87 13.81 12.74 29.01
CA ASP B 87 15.10 13.44 29.03
C ASP B 87 16.13 12.85 28.07
N LEU B 88 15.87 11.68 27.49
CA LEU B 88 16.86 11.08 26.61
C LEU B 88 16.98 11.88 25.32
N GLY B 89 18.12 11.73 24.68
CA GLY B 89 18.58 12.47 23.53
C GLY B 89 20.03 12.82 23.74
N VAL B 90 20.54 13.76 22.93
CA VAL B 90 21.95 14.14 22.96
C VAL B 90 22.08 15.57 23.50
N TYR B 91 22.98 15.74 24.48
CA TYR B 91 23.25 17.03 25.12
C TYR B 91 24.56 17.57 24.57
N TYR B 92 24.55 18.83 24.12
CA TYR B 92 25.74 19.50 23.58
C TYR B 92 26.03 20.74 24.39
N CYS B 93 27.28 20.93 24.77
CA CYS B 93 27.64 22.26 25.22
C CYS B 93 28.00 23.07 24.00
N PHE B 94 28.04 24.39 24.16
CA PHE B 94 28.34 25.29 23.05
C PHE B 94 28.93 26.56 23.63
N GLN B 95 29.99 27.06 23.02
CA GLN B 95 30.62 28.27 23.50
C GLN B 95 30.50 29.34 22.43
N GLY B 96 30.04 30.52 22.82
CA GLY B 96 29.91 31.60 21.88
C GLY B 96 30.85 32.72 22.25
N SER B 97 31.93 32.36 22.95
CA SER B 97 32.88 33.34 23.44
C SER B 97 33.98 33.69 22.46
N HIS B 98 34.28 32.78 21.53
CA HIS B 98 35.41 32.96 20.62
C HIS B 98 34.99 32.46 19.24
N VAL B 99 35.09 33.33 18.25
CA VAL B 99 34.89 32.92 16.86
C VAL B 99 36.05 32.03 16.43
N PRO B 100 35.81 30.88 15.80
CA PRO B 100 34.48 30.35 15.49
C PRO B 100 33.80 29.66 16.68
N TYR B 101 32.49 29.87 16.84
CA TYR B 101 31.73 29.22 17.90
C TYR B 101 31.75 27.71 17.71
N THR B 102 31.81 26.98 18.83
CA THR B 102 31.98 25.53 18.75
C THR B 102 31.09 24.83 19.76
N PHE B 103 30.64 23.65 19.34
CA PHE B 103 29.89 22.72 20.15
C PHE B 103 30.79 21.59 20.65
N GLY B 104 30.47 21.05 21.82
CA GLY B 104 30.99 19.78 22.19
C GLY B 104 30.47 18.71 21.25
N GLY B 105 31.04 17.51 21.36
CA GLY B 105 30.67 16.40 20.49
C GLY B 105 29.37 15.75 20.83
N GLY B 106 28.79 16.04 21.99
CA GLY B 106 27.53 15.45 22.35
C GLY B 106 27.62 14.31 23.35
N THR B 107 26.72 14.26 24.32
CA THR B 107 26.61 13.16 25.26
C THR B 107 25.26 12.50 25.06
N LYS B 108 25.26 11.24 24.62
CA LYS B 108 24.00 10.54 24.43
C LYS B 108 23.50 10.09 25.79
N LEU B 109 22.41 10.69 26.26
CA LEU B 109 21.77 10.21 27.48
C LEU B 109 20.87 9.05 27.12
N GLU B 110 21.04 7.92 27.81
CA GLU B 110 20.30 6.69 27.52
C GLU B 110 19.66 6.16 28.78
N ILE B 111 18.44 5.66 28.69
CA ILE B 111 17.73 5.18 29.86
C ILE B 111 18.00 3.69 30.07
N LYS B 112 18.47 3.35 31.27
CA LYS B 112 18.43 1.98 31.77
C LYS B 112 17.04 1.66 32.27
N ARG B 113 16.52 0.49 31.90
CA ARG B 113 15.22 0.03 32.39
C ARG B 113 15.23 -1.50 32.39
N ALA B 114 14.16 -2.08 32.93
CA ALA B 114 14.05 -3.52 33.06
C ALA B 114 13.86 -4.19 31.70
N ASP B 115 14.32 -5.42 31.59
CA ASP B 115 14.20 -6.12 30.32
C ASP B 115 12.75 -6.16 29.87
N ALA B 116 12.56 -6.22 28.56
CA ALA B 116 11.21 -6.36 28.04
C ALA B 116 11.29 -7.19 26.77
N ALA B 117 10.41 -8.15 26.67
CA ALA B 117 10.39 -9.01 25.50
C ALA B 117 9.71 -8.29 24.34
N PRO B 118 10.12 -8.60 23.12
CA PRO B 118 9.53 -7.96 21.95
C PRO B 118 8.18 -8.56 21.59
N THR B 119 7.30 -7.69 21.07
CA THR B 119 6.03 -8.10 20.48
C THR B 119 6.24 -8.28 18.98
N VAL B 120 6.07 -9.49 18.50
CA VAL B 120 6.50 -9.82 17.15
C VAL B 120 5.27 -10.02 16.26
N SER B 121 5.34 -9.51 15.04
CA SER B 121 4.25 -9.61 14.07
C SER B 121 4.85 -9.81 12.70
N ILE B 122 4.43 -10.88 12.03
CA ILE B 122 4.90 -11.20 10.69
C ILE B 122 3.84 -10.75 9.69
N PHE B 123 4.28 -10.37 8.49
CA PHE B 123 3.39 -9.88 7.47
C PHE B 123 3.76 -10.46 6.11
N PRO B 124 2.78 -10.95 5.36
CA PRO B 124 3.05 -11.44 4.00
C PRO B 124 3.16 -10.28 3.03
N PRO B 125 3.80 -10.49 1.88
CA PRO B 125 3.96 -9.39 0.92
C PRO B 125 2.61 -8.86 0.44
N SER B 126 2.57 -7.54 0.25
CA SER B 126 1.40 -6.87 -0.28
C SER B 126 0.89 -7.53 -1.56
N SER B 127 -0.42 -7.43 -1.79
CA SER B 127 -0.96 -7.88 -3.07
C SER B 127 -0.43 -7.03 -4.22
N GLU B 128 -0.34 -5.70 -3.99
CA GLU B 128 0.24 -4.81 -5.00
C GLU B 128 1.71 -5.12 -5.22
N GLN B 129 2.44 -5.42 -4.15
CA GLN B 129 3.85 -5.74 -4.33
C GLN B 129 4.05 -6.97 -5.20
N LEU B 130 3.11 -7.93 -5.13
CA LEU B 130 3.23 -9.14 -5.94
C LEU B 130 2.89 -8.86 -7.40
N THR B 131 1.82 -8.11 -7.66
CA THR B 131 1.52 -7.71 -9.02
C THR B 131 2.74 -7.05 -9.66
N SER B 132 3.54 -6.35 -8.87
CA SER B 132 4.77 -5.73 -9.35
C SER B 132 5.92 -6.71 -9.53
N GLY B 133 5.77 -7.95 -9.06
CA GLY B 133 6.78 -8.97 -9.20
C GLY B 133 7.70 -9.15 -8.03
N GLY B 134 7.43 -8.51 -6.89
CA GLY B 134 8.29 -8.57 -5.73
C GLY B 134 7.61 -9.26 -4.57
N ALA B 135 8.40 -9.52 -3.52
CA ALA B 135 7.93 -10.26 -2.36
C ALA B 135 8.81 -9.88 -1.16
N SER B 136 8.30 -8.99 -0.32
CA SER B 136 8.98 -8.59 0.91
C SER B 136 8.15 -9.05 2.10
N VAL B 137 8.72 -9.93 2.91
CA VAL B 137 8.09 -10.34 4.15
C VAL B 137 8.64 -9.45 5.26
N VAL B 138 7.73 -8.87 6.04
CA VAL B 138 8.09 -7.93 7.08
C VAL B 138 7.85 -8.58 8.42
N CYS B 139 8.62 -8.12 9.41
CA CYS B 139 8.56 -8.67 10.74
C CYS B 139 8.88 -7.53 11.69
N PHE B 140 7.91 -7.12 12.49
CA PHE B 140 8.11 -6.07 13.47
C PHE B 140 8.36 -6.71 14.84
N LEU B 141 9.34 -6.17 15.56
CA LEU B 141 9.66 -6.58 16.92
C LEU B 141 9.58 -5.31 17.76
N ASN B 142 8.45 -5.10 18.43
CA ASN B 142 8.17 -3.82 19.06
C ASN B 142 8.33 -3.90 20.56
N ASN B 143 8.77 -2.75 21.14
CA ASN B 143 8.79 -2.48 22.58
C ASN B 143 9.57 -3.51 23.38
N PHE B 144 10.86 -3.62 23.08
CA PHE B 144 11.73 -4.52 23.82
C PHE B 144 12.91 -3.73 24.38
N TYR B 145 13.57 -4.35 25.35
CA TYR B 145 14.75 -3.78 25.99
C TYR B 145 15.57 -4.91 26.57
N PRO B 146 16.90 -4.89 26.46
CA PRO B 146 17.65 -3.84 25.74
C PRO B 146 17.54 -4.04 24.24
N LYS B 147 18.22 -3.19 23.47
CA LYS B 147 18.09 -3.23 22.02
C LYS B 147 18.71 -4.48 21.42
N ASP B 148 19.58 -5.15 22.18
CA ASP B 148 20.30 -6.33 21.71
C ASP B 148 19.32 -7.42 21.30
N ILE B 149 19.33 -7.80 20.03
CA ILE B 149 18.41 -8.83 19.55
C ILE B 149 18.99 -9.42 18.29
N ASN B 150 18.58 -10.64 17.99
CA ASN B 150 18.94 -11.31 16.75
C ASN B 150 17.67 -11.87 16.13
N VAL B 151 17.57 -11.75 14.80
CA VAL B 151 16.43 -12.26 14.06
C VAL B 151 16.95 -13.21 13.00
N LYS B 152 16.36 -14.38 12.92
CA LYS B 152 16.68 -15.35 11.90
C LYS B 152 15.41 -15.59 11.08
N TRP B 153 15.54 -15.45 9.77
CA TRP B 153 14.45 -15.79 8.86
C TRP B 153 14.62 -17.23 8.39
N LYS B 154 13.51 -17.95 8.30
CA LYS B 154 13.54 -19.34 7.84
C LYS B 154 12.47 -19.54 6.77
N ILE B 155 12.85 -20.25 5.72
CA ILE B 155 11.97 -20.58 4.59
C ILE B 155 11.95 -22.10 4.48
N ASP B 156 10.78 -22.69 4.75
CA ASP B 156 10.67 -24.15 4.89
C ASP B 156 11.65 -24.67 5.93
N GLY B 157 11.76 -23.94 7.05
CA GLY B 157 12.65 -24.34 8.12
C GLY B 157 14.10 -23.95 7.90
N SER B 158 14.55 -23.92 6.65
CA SER B 158 15.93 -23.53 6.39
C SER B 158 16.11 -22.02 6.56
N GLU B 159 17.35 -21.62 6.82
CA GLU B 159 17.69 -20.24 7.13
C GLU B 159 18.21 -19.51 5.90
N VAL B 160 17.80 -18.25 5.74
CA VAL B 160 18.23 -17.41 4.65
C VAL B 160 19.03 -16.25 5.23
N GLN B 161 20.26 -16.08 4.74
CA GLN B 161 21.11 -14.99 5.22
C GLN B 161 21.00 -13.75 4.35
N ASN B 162 20.94 -13.92 3.03
CA ASN B 162 20.95 -12.79 2.12
C ASN B 162 19.54 -12.24 1.92
N GLY B 163 19.45 -10.91 1.82
CA GLY B 163 18.20 -10.26 1.52
C GLY B 163 17.42 -9.74 2.71
N VAL B 164 18.05 -9.55 3.86
CA VAL B 164 17.38 -9.06 5.06
C VAL B 164 17.82 -7.63 5.32
N LEU B 165 16.85 -6.78 5.69
CA LEU B 165 17.11 -5.40 6.09
C LEU B 165 16.50 -5.14 7.46
N ASN B 166 17.33 -4.78 8.43
CA ASN B 166 16.90 -4.52 9.79
C ASN B 166 17.05 -3.04 10.12
N SER B 167 16.20 -2.57 11.02
CA SER B 167 16.27 -1.17 11.39
C SER B 167 15.67 -1.00 12.77
N TRP B 168 16.39 -0.33 13.64
CA TRP B 168 15.94 -0.07 15.00
C TRP B 168 15.50 1.37 15.12
N THR B 169 14.48 1.58 15.93
CA THR B 169 14.14 2.93 16.30
C THR B 169 15.14 3.45 17.33
N ASP B 170 15.03 4.74 17.59
CA ASP B 170 15.67 5.30 18.77
C ASP B 170 14.88 4.89 20.00
N GLN B 171 15.45 5.17 21.16
CA GLN B 171 14.80 4.81 22.41
C GLN B 171 13.49 5.60 22.58
N ASP B 172 12.40 4.87 22.84
CA ASP B 172 11.09 5.50 23.08
C ASP B 172 11.14 6.46 24.26
N SER B 173 10.46 7.61 24.11
CA SER B 173 10.53 8.66 25.11
C SER B 173 9.59 8.46 26.29
N LYS B 174 8.76 7.42 26.28
CA LYS B 174 7.92 7.13 27.44
C LYS B 174 8.24 5.79 28.10
N ASP B 175 8.27 4.70 27.35
CA ASP B 175 8.54 3.40 27.96
C ASP B 175 9.98 2.96 27.80
N SER B 176 10.83 3.82 27.24
CA SER B 176 12.27 3.63 27.16
C SER B 176 12.66 2.33 26.47
N THR B 177 11.79 1.80 25.64
CA THR B 177 12.08 0.59 24.90
C THR B 177 12.50 0.93 23.48
N TYR B 178 12.92 -0.10 22.77
CA TYR B 178 13.25 0.01 21.36
C TYR B 178 12.26 -0.84 20.57
N SER B 179 12.25 -0.62 19.26
CA SER B 179 11.47 -1.42 18.34
C SER B 179 12.35 -1.69 17.12
N MET B 180 12.05 -2.76 16.41
CA MET B 180 12.85 -3.11 15.26
C MET B 180 12.00 -3.71 14.16
N SER B 181 12.34 -3.37 12.93
CA SER B 181 11.69 -3.88 11.74
C SER B 181 12.68 -4.74 10.95
N SER B 182 12.26 -5.95 10.58
CA SER B 182 13.11 -6.82 9.79
C SER B 182 12.37 -7.16 8.50
N THR B 183 13.06 -7.05 7.36
CA THR B 183 12.41 -7.24 6.07
C THR B 183 13.19 -8.22 5.21
N LEU B 184 12.48 -9.21 4.67
CA LEU B 184 13.03 -10.15 3.71
C LEU B 184 12.48 -9.83 2.33
N THR B 185 13.35 -9.79 1.33
CA THR B 185 12.96 -9.39 -0.03
C THR B 185 13.25 -10.52 -1.00
N LEU B 186 12.22 -10.99 -1.68
CA LEU B 186 12.32 -12.00 -2.72
C LEU B 186 11.52 -11.53 -3.93
N THR B 187 11.58 -12.28 -5.02
CA THR B 187 10.84 -11.90 -6.22
C THR B 187 9.75 -12.89 -6.57
N LYS B 188 10.11 -14.13 -6.91
CA LYS B 188 9.14 -15.16 -7.26
C LYS B 188 9.44 -16.46 -6.53
N ASP B 189 10.60 -16.59 -5.91
CA ASP B 189 10.84 -17.69 -4.99
C ASP B 189 9.78 -17.71 -3.90
N GLU B 190 9.08 -16.60 -3.69
CA GLU B 190 8.00 -16.59 -2.70
C GLU B 190 6.95 -17.63 -3.04
N TYR B 191 6.75 -17.91 -4.33
CA TYR B 191 5.89 -19.01 -4.74
C TYR B 191 6.64 -20.32 -4.90
N GLU B 192 7.97 -20.26 -5.02
CA GLU B 192 8.80 -21.48 -5.08
C GLU B 192 8.71 -22.27 -3.78
N ARG B 193 8.95 -21.60 -2.66
CA ARG B 193 8.86 -22.18 -1.32
C ARG B 193 7.67 -21.60 -0.57
N HIS B 194 6.55 -21.47 -1.28
CA HIS B 194 5.42 -20.65 -0.86
C HIS B 194 4.90 -20.94 0.54
N ASN B 195 5.41 -21.98 1.20
CA ASN B 195 4.99 -22.30 2.56
C ASN B 195 6.14 -22.11 3.55
N SER B 196 5.77 -21.97 4.82
CA SER B 196 6.72 -21.92 5.94
C SER B 196 7.69 -20.72 5.82
N TYR B 197 7.13 -19.53 5.97
CA TYR B 197 7.91 -18.31 6.16
C TYR B 197 7.91 -17.96 7.63
N THR B 198 9.10 -17.92 8.24
CA THR B 198 9.20 -17.76 9.69
C THR B 198 10.20 -16.68 10.06
N CYS B 199 9.80 -15.87 11.03
CA CYS B 199 10.64 -14.83 11.61
C CYS B 199 10.89 -15.22 13.07
N GLU B 200 12.14 -15.51 13.41
CA GLU B 200 12.50 -16.04 14.73
C GLU B 200 13.46 -15.09 15.43
N ALA B 201 13.04 -14.58 16.59
CA ALA B 201 13.78 -13.59 17.34
C ALA B 201 14.40 -14.20 18.59
N THR B 202 15.66 -13.86 18.87
CA THR B 202 16.30 -14.29 20.10
C THR B 202 16.75 -13.06 20.87
N HIS B 203 16.26 -12.96 22.11
CA HIS B 203 16.43 -11.84 23.01
C HIS B 203 16.82 -12.42 24.36
N LYS B 204 17.38 -11.58 25.24
CA LYS B 204 17.85 -12.12 26.51
C LYS B 204 16.71 -12.48 27.45
N THR B 205 15.47 -12.09 27.14
CA THR B 205 14.36 -12.36 28.04
C THR B 205 13.86 -13.81 27.94
N SER B 206 14.41 -14.63 27.05
CA SER B 206 14.02 -16.03 27.02
C SER B 206 15.03 -16.87 26.27
N THR B 207 15.34 -18.04 26.84
CA THR B 207 16.21 -19.01 26.19
C THR B 207 15.59 -19.54 24.90
N SER B 208 14.30 -19.44 24.76
CA SER B 208 13.63 -19.89 23.55
C SER B 208 13.40 -18.73 22.61
N PRO B 209 13.68 -18.89 21.32
CA PRO B 209 13.39 -17.81 20.37
C PRO B 209 11.89 -17.63 20.22
N ILE B 210 11.49 -16.40 19.92
CA ILE B 210 10.09 -16.10 19.68
C ILE B 210 9.81 -16.27 18.19
N VAL B 211 8.76 -17.01 17.87
CA VAL B 211 8.46 -17.40 16.49
C VAL B 211 7.12 -16.82 16.06
N LYS B 212 7.09 -16.29 14.82
CA LYS B 212 5.86 -15.94 14.12
C LYS B 212 6.06 -16.35 12.67
N SER B 213 5.06 -16.99 12.07
CA SER B 213 5.24 -17.50 10.73
C SER B 213 3.89 -17.60 10.02
N PHE B 214 3.94 -18.06 8.78
CA PHE B 214 2.81 -18.24 7.88
C PHE B 214 3.32 -19.05 6.69
N ASN B 215 2.43 -19.80 6.04
CA ASN B 215 2.85 -20.46 4.81
C ASN B 215 2.02 -20.07 3.59
N ARG B 216 0.72 -20.32 3.58
CA ARG B 216 -0.05 -20.21 2.34
C ARG B 216 -0.16 -18.77 1.85
N GLU C 1 -20.15 47.32 -48.20
CA GLU C 1 -19.50 46.29 -47.40
C GLU C 1 -20.50 45.58 -46.50
N VAL C 2 -20.96 44.40 -46.91
CA VAL C 2 -21.87 43.63 -46.07
C VAL C 2 -21.17 43.25 -44.78
N GLN C 3 -21.89 43.40 -43.67
CA GLN C 3 -21.38 43.06 -42.35
C GLN C 3 -22.51 42.44 -41.53
N LEU C 4 -22.24 41.28 -40.93
CA LEU C 4 -23.17 40.58 -40.05
C LEU C 4 -22.52 40.57 -38.67
N GLN C 5 -22.97 41.49 -37.82
CA GLN C 5 -22.36 41.69 -36.51
C GLN C 5 -23.16 40.93 -35.47
N GLN C 6 -22.53 39.92 -34.89
CA GLN C 6 -23.20 39.00 -34.01
C GLN C 6 -22.95 39.40 -32.56
N SER C 7 -23.94 39.15 -31.71
CA SER C 7 -23.83 39.46 -30.29
C SER C 7 -22.78 38.56 -29.64
N GLY C 8 -22.33 38.99 -28.45
CA GLY C 8 -21.16 38.42 -27.84
C GLY C 8 -21.41 37.06 -27.21
N PRO C 9 -20.34 36.48 -26.68
CA PRO C 9 -20.43 35.13 -26.09
C PRO C 9 -21.31 35.14 -24.86
N GLU C 10 -21.98 34.02 -24.65
CA GLU C 10 -22.93 33.93 -23.52
C GLU C 10 -22.77 32.62 -22.73
N LEU C 11 -22.83 32.72 -21.42
CA LEU C 11 -22.81 31.57 -20.53
C LEU C 11 -24.17 31.49 -19.87
N VAL C 12 -24.81 30.33 -19.99
CA VAL C 12 -26.17 30.15 -19.54
C VAL C 12 -26.26 28.81 -18.82
N LYS C 13 -27.13 28.75 -17.84
CA LYS C 13 -27.30 27.51 -17.10
C LYS C 13 -28.27 26.60 -17.86
N PRO C 14 -28.08 25.28 -17.73
CA PRO C 14 -29.00 24.35 -18.40
C PRO C 14 -30.42 24.60 -17.95
N GLY C 15 -31.36 24.49 -18.88
CA GLY C 15 -32.74 24.77 -18.60
C GLY C 15 -33.16 26.20 -18.88
N ALA C 16 -32.21 27.12 -19.06
CA ALA C 16 -32.56 28.49 -19.35
C ALA C 16 -32.83 28.68 -20.85
N SER C 17 -33.07 29.94 -21.21
CA SER C 17 -33.21 30.38 -22.59
C SER C 17 -32.16 31.45 -22.87
N VAL C 18 -31.94 31.69 -24.16
CA VAL C 18 -30.97 32.70 -24.59
C VAL C 18 -31.39 33.19 -25.95
N LYS C 19 -31.20 34.48 -26.18
CA LYS C 19 -31.54 35.14 -27.42
C LYS C 19 -30.28 35.76 -27.97
N MET C 20 -29.91 35.37 -29.19
CA MET C 20 -28.76 35.87 -29.92
C MET C 20 -29.22 36.86 -30.97
N SER C 21 -28.36 37.84 -31.27
CA SER C 21 -28.68 38.85 -32.27
C SER C 21 -27.66 38.88 -33.41
N CYS C 22 -28.11 39.35 -34.57
CA CYS C 22 -27.26 39.44 -35.75
C CYS C 22 -27.59 40.74 -36.46
N LYS C 23 -26.80 41.77 -36.17
CA LYS C 23 -27.06 43.10 -36.73
C LYS C 23 -26.44 43.20 -38.11
N ALA C 24 -27.28 43.40 -39.12
CA ALA C 24 -26.79 43.51 -40.48
C ALA C 24 -26.51 44.96 -40.85
N SER C 25 -25.71 45.13 -41.89
CA SER C 25 -25.45 46.46 -42.41
C SER C 25 -24.76 46.27 -43.76
N GLY C 26 -24.85 47.31 -44.59
CA GLY C 26 -24.25 47.25 -45.91
C GLY C 26 -25.18 46.68 -46.96
N TYR C 27 -26.44 46.45 -46.62
CA TYR C 27 -27.39 45.97 -47.59
C TYR C 27 -28.77 46.21 -47.02
N THR C 28 -29.78 45.89 -47.83
CA THR C 28 -31.18 46.15 -47.49
C THR C 28 -31.72 44.93 -46.77
N PHE C 29 -31.59 44.96 -45.45
CA PHE C 29 -32.01 43.86 -44.58
C PHE C 29 -33.32 43.22 -45.03
N THR C 30 -34.35 44.03 -45.28
CA THR C 30 -35.68 43.46 -45.38
C THR C 30 -35.94 42.74 -46.69
N SER C 31 -35.03 42.78 -47.65
CA SER C 31 -35.21 42.05 -48.90
C SER C 31 -34.63 40.64 -48.90
N TYR C 32 -34.07 40.16 -47.79
CA TYR C 32 -33.31 38.91 -47.87
C TYR C 32 -33.76 37.91 -46.82
N VAL C 33 -33.38 36.68 -47.07
CA VAL C 33 -33.54 35.59 -46.11
C VAL C 33 -32.27 35.52 -45.27
N MET C 34 -32.43 35.20 -43.99
CA MET C 34 -31.33 35.03 -43.06
C MET C 34 -31.36 33.62 -42.49
N HIS C 35 -30.24 32.91 -42.59
CA HIS C 35 -30.09 31.56 -42.12
C HIS C 35 -29.35 31.56 -40.79
N TRP C 36 -29.57 30.50 -40.02
CA TRP C 36 -28.79 30.26 -38.81
C TRP C 36 -28.19 28.87 -38.87
N VAL C 37 -26.94 28.76 -38.44
CA VAL C 37 -26.20 27.52 -38.50
C VAL C 37 -25.50 27.30 -37.17
N LYS C 38 -25.45 26.05 -36.73
CA LYS C 38 -24.79 25.66 -35.50
C LYS C 38 -23.53 24.88 -35.80
N GLN C 39 -22.49 25.13 -35.02
CA GLN C 39 -21.23 24.39 -35.13
C GLN C 39 -20.74 24.08 -33.73
N LYS C 40 -20.78 22.80 -33.35
CA LYS C 40 -20.21 22.39 -32.07
C LYS C 40 -18.69 22.38 -32.18
N PRO C 41 -17.98 22.82 -31.15
CA PRO C 41 -16.51 22.97 -31.27
C PRO C 41 -15.85 21.67 -31.68
N GLY C 42 -14.91 21.78 -32.62
CA GLY C 42 -14.24 20.64 -33.21
C GLY C 42 -15.07 19.81 -34.18
N GLN C 43 -16.37 20.07 -34.29
CA GLN C 43 -17.26 19.28 -35.12
C GLN C 43 -17.74 20.11 -36.33
N GLY C 44 -18.71 19.54 -37.05
CA GLY C 44 -19.17 20.11 -38.30
C GLY C 44 -20.31 21.08 -38.13
N LEU C 45 -20.91 21.43 -39.27
CA LEU C 45 -21.91 22.47 -39.36
C LEU C 45 -23.31 21.89 -39.51
N GLU C 46 -24.29 22.60 -38.97
CA GLU C 46 -25.66 22.12 -39.01
C GLU C 46 -26.60 23.29 -39.27
N TRP C 47 -27.54 23.09 -40.18
CA TRP C 47 -28.50 24.13 -40.57
C TRP C 47 -29.67 24.13 -39.60
N ILE C 48 -29.92 25.29 -38.97
CA ILE C 48 -31.00 25.43 -38.01
C ILE C 48 -32.31 25.86 -38.68
N GLY C 49 -32.26 26.92 -39.48
CA GLY C 49 -33.46 27.42 -40.15
C GLY C 49 -33.17 28.75 -40.80
N PHE C 50 -34.19 29.28 -41.48
CA PHE C 50 -34.04 30.61 -42.07
C PHE C 50 -35.28 31.43 -41.76
N ILE C 51 -35.15 32.75 -41.92
CA ILE C 51 -36.25 33.68 -41.72
C ILE C 51 -36.29 34.62 -42.90
N ASN C 52 -37.43 34.68 -43.57
CA ASN C 52 -37.61 35.64 -44.65
C ASN C 52 -37.89 37.01 -44.05
N LEU C 53 -36.94 37.92 -44.15
CA LEU C 53 -37.04 39.25 -43.52
C LEU C 53 -37.98 40.17 -44.21
N TYR C 54 -38.64 39.66 -45.26
CA TYR C 54 -39.70 40.35 -45.98
C TYR C 54 -41.08 39.87 -45.55
N ASN C 55 -41.28 38.54 -45.48
CA ASN C 55 -42.53 37.91 -45.04
C ASN C 55 -42.61 37.74 -43.54
N ASP C 56 -41.47 37.79 -42.85
CA ASP C 56 -41.31 37.23 -41.52
C ASP C 56 -41.62 35.73 -41.50
N GLY C 57 -41.78 35.11 -42.66
CA GLY C 57 -41.98 33.68 -42.72
C GLY C 57 -40.69 32.94 -42.39
N THR C 58 -40.82 31.81 -41.71
CA THR C 58 -39.67 31.06 -41.20
C THR C 58 -39.80 29.58 -41.56
N LYS C 59 -38.66 28.94 -41.75
CA LYS C 59 -38.62 27.50 -42.01
C LYS C 59 -37.54 26.89 -41.14
N TYR C 60 -37.92 25.85 -40.40
CA TYR C 60 -37.03 25.26 -39.41
C TYR C 60 -36.63 23.86 -39.82
N ASN C 61 -35.38 23.51 -39.53
CA ASN C 61 -34.98 22.11 -39.54
C ASN C 61 -35.78 21.38 -38.48
N GLU C 62 -36.34 20.22 -38.84
CA GLU C 62 -37.15 19.45 -37.91
C GLU C 62 -36.42 19.25 -36.59
N LYS C 63 -35.13 18.93 -36.65
CA LYS C 63 -34.35 18.70 -35.44
C LYS C 63 -34.30 19.91 -34.51
N PHE C 64 -34.71 21.10 -34.94
CA PHE C 64 -34.64 22.30 -34.12
C PHE C 64 -35.98 22.99 -33.88
N LYS C 65 -37.06 22.45 -34.44
CA LYS C 65 -38.36 23.09 -34.26
C LYS C 65 -38.76 23.05 -32.80
N GLY C 66 -39.29 24.17 -32.30
CA GLY C 66 -39.56 24.32 -30.90
C GLY C 66 -38.33 24.59 -30.06
N LYS C 67 -37.13 24.25 -30.56
CA LYS C 67 -35.89 24.57 -29.87
C LYS C 67 -35.48 26.01 -30.14
N ALA C 68 -35.41 26.38 -31.42
CA ALA C 68 -34.98 27.70 -31.84
C ALA C 68 -36.16 28.46 -32.42
N THR C 69 -36.12 29.78 -32.25
CA THR C 69 -37.19 30.65 -32.73
C THR C 69 -36.54 31.86 -33.39
N LEU C 70 -36.86 32.10 -34.66
CA LEU C 70 -36.25 33.19 -35.41
C LEU C 70 -37.21 34.37 -35.48
N THR C 71 -36.67 35.58 -35.29
CA THR C 71 -37.43 36.82 -35.34
C THR C 71 -36.55 37.91 -35.93
N SER C 72 -37.14 39.10 -36.11
CA SER C 72 -36.37 40.21 -36.66
C SER C 72 -36.97 41.53 -36.20
N ASP C 73 -36.14 42.56 -36.22
CA ASP C 73 -36.54 43.94 -35.98
C ASP C 73 -36.13 44.72 -37.23
N LYS C 74 -37.08 44.91 -38.14
CA LYS C 74 -36.78 45.68 -39.36
C LYS C 74 -36.41 47.11 -39.03
N SER C 75 -36.73 47.58 -37.82
CA SER C 75 -36.38 48.95 -37.45
C SER C 75 -34.87 49.11 -37.33
N SER C 76 -34.19 48.13 -36.71
CA SER C 76 -32.75 48.19 -36.51
C SER C 76 -31.98 47.23 -37.41
N SER C 77 -32.63 46.59 -38.40
CA SER C 77 -31.95 45.66 -39.29
C SER C 77 -31.21 44.55 -38.52
N THR C 78 -31.88 44.02 -37.50
CA THR C 78 -31.28 43.02 -36.62
C THR C 78 -32.12 41.76 -36.64
N ALA C 79 -31.45 40.61 -36.76
CA ALA C 79 -32.13 39.31 -36.71
C ALA C 79 -31.80 38.59 -35.41
N TYR C 80 -32.79 37.87 -34.88
CA TYR C 80 -32.65 37.22 -33.57
C TYR C 80 -32.94 35.74 -33.66
N MET C 81 -32.23 34.99 -32.82
CA MET C 81 -32.53 33.58 -32.63
C MET C 81 -32.55 33.30 -31.14
N GLU C 82 -33.61 32.63 -30.70
CA GLU C 82 -33.78 32.25 -29.32
C GLU C 82 -33.73 30.74 -29.21
N LEU C 83 -32.97 30.25 -28.24
CA LEU C 83 -32.85 28.83 -27.96
C LEU C 83 -33.48 28.54 -26.60
N SER C 84 -34.37 27.56 -26.55
CA SER C 84 -35.13 27.19 -25.36
C SER C 84 -34.60 25.91 -24.73
N SER C 85 -34.96 25.72 -23.46
CA SER C 85 -34.71 24.47 -22.74
C SER C 85 -33.30 23.97 -23.05
N LEU C 86 -32.33 24.83 -22.75
CA LEU C 86 -30.94 24.58 -23.08
C LEU C 86 -30.36 23.43 -22.29
N THR C 87 -29.46 22.70 -22.95
CA THR C 87 -28.68 21.64 -22.36
C THR C 87 -27.24 21.87 -22.77
N SER C 88 -26.32 21.13 -22.14
CA SER C 88 -24.90 21.25 -22.48
C SER C 88 -24.64 20.97 -23.96
N LYS C 89 -25.50 20.18 -24.60
CA LYS C 89 -25.32 19.86 -26.02
C LYS C 89 -25.63 21.03 -26.93
N ASP C 90 -26.22 22.10 -26.41
CA ASP C 90 -26.46 23.30 -27.19
C ASP C 90 -25.25 24.22 -27.17
N SER C 91 -24.26 23.94 -26.34
CA SER C 91 -23.01 24.70 -26.39
C SER C 91 -22.38 24.53 -27.76
N ALA C 92 -22.10 25.65 -28.40
CA ALA C 92 -21.65 25.62 -29.77
C ALA C 92 -21.40 27.04 -30.23
N VAL C 93 -20.84 27.20 -31.42
CA VAL C 93 -20.85 28.50 -32.05
C VAL C 93 -22.06 28.56 -32.98
N TYR C 94 -22.76 29.70 -32.95
CA TYR C 94 -23.93 29.92 -33.75
C TYR C 94 -23.65 31.06 -34.71
N TYR C 95 -23.98 30.86 -35.98
CA TYR C 95 -23.75 31.82 -37.03
C TYR C 95 -25.08 32.27 -37.59
N CYS C 96 -25.17 33.54 -37.97
CA CYS C 96 -26.17 33.93 -38.94
C CYS C 96 -25.47 34.04 -40.28
N ALA C 97 -26.26 33.98 -41.35
CA ALA C 97 -25.69 34.06 -42.70
C ALA C 97 -26.79 34.55 -43.61
N ARG C 98 -26.41 35.39 -44.56
CA ARG C 98 -27.30 36.00 -45.52
C ARG C 98 -27.52 35.09 -46.71
N ASP C 99 -28.77 34.98 -47.14
CA ASP C 99 -29.15 34.38 -48.43
C ASP C 99 -29.33 35.55 -49.41
N TYR C 100 -28.49 35.62 -50.43
CA TYR C 100 -28.57 36.77 -51.33
C TYR C 100 -29.58 36.53 -52.44
N TYR C 101 -29.65 35.30 -52.96
CA TYR C 101 -30.43 35.03 -54.15
C TYR C 101 -31.78 34.42 -53.85
N GLY C 102 -32.01 33.96 -52.64
CA GLY C 102 -33.21 33.18 -52.40
C GLY C 102 -33.27 32.63 -51.00
N SER C 103 -33.47 31.31 -50.88
CA SER C 103 -33.56 30.71 -49.57
C SER C 103 -32.87 29.34 -49.50
N ARG C 104 -31.91 29.07 -50.37
CA ARG C 104 -31.28 27.76 -50.44
C ARG C 104 -29.78 27.76 -50.20
N TRP C 105 -29.17 28.91 -49.92
CA TRP C 105 -27.75 28.92 -49.59
C TRP C 105 -27.34 30.34 -49.25
N PHE C 106 -26.28 30.46 -48.46
CA PHE C 106 -25.87 31.72 -47.87
C PHE C 106 -24.50 32.12 -48.39
N ASP C 107 -24.29 33.43 -48.55
CA ASP C 107 -22.99 33.88 -49.01
C ASP C 107 -22.12 34.40 -47.87
N TYR C 108 -22.60 35.35 -47.07
CA TYR C 108 -21.78 35.96 -46.04
C TYR C 108 -22.20 35.43 -44.68
N TRP C 109 -21.22 35.21 -43.79
CA TRP C 109 -21.46 34.66 -42.47
C TRP C 109 -21.06 35.67 -41.40
N GLY C 110 -21.85 35.71 -40.33
CA GLY C 110 -21.42 36.45 -39.16
C GLY C 110 -20.16 35.85 -38.60
N GLN C 111 -19.56 36.55 -37.63
CA GLN C 111 -18.39 36.02 -36.95
C GLN C 111 -18.75 34.96 -35.93
N GLY C 112 -20.04 34.74 -35.69
CA GLY C 112 -20.49 33.68 -34.81
C GLY C 112 -20.56 34.10 -33.36
N THR C 113 -21.34 33.34 -32.58
CA THR C 113 -21.56 33.58 -31.16
C THR C 113 -21.31 32.28 -30.41
N THR C 114 -20.40 32.30 -29.45
CA THR C 114 -20.13 31.13 -28.65
C THR C 114 -21.10 31.09 -27.49
N LEU C 115 -21.94 30.06 -27.46
CA LEU C 115 -22.83 29.82 -26.32
C LEU C 115 -22.29 28.63 -25.54
N THR C 116 -22.00 28.83 -24.26
CA THR C 116 -21.61 27.77 -23.35
C THR C 116 -22.76 27.55 -22.38
N VAL C 117 -23.26 26.32 -22.32
CA VAL C 117 -24.37 25.94 -21.44
C VAL C 117 -23.79 25.08 -20.33
N SER C 118 -23.83 25.59 -19.11
CA SER C 118 -23.20 24.88 -18.01
C SER C 118 -23.74 25.38 -16.68
N SER C 119 -23.71 24.48 -15.69
CA SER C 119 -23.99 24.85 -14.32
C SER C 119 -22.76 25.41 -13.63
N ALA C 120 -21.57 25.13 -14.16
CA ALA C 120 -20.36 25.63 -13.54
C ALA C 120 -20.38 27.15 -13.48
N LYS C 121 -19.77 27.68 -12.42
CA LYS C 121 -19.62 29.11 -12.26
C LYS C 121 -18.51 29.63 -13.16
N THR C 122 -18.68 30.85 -13.65
CA THR C 122 -17.64 31.52 -14.39
C THR C 122 -16.41 31.64 -13.51
N THR C 123 -15.23 31.48 -14.11
CA THR C 123 -13.96 31.61 -13.41
C THR C 123 -13.09 32.55 -14.21
N ALA C 124 -12.65 33.64 -13.61
CA ALA C 124 -11.85 34.62 -14.33
C ALA C 124 -10.43 34.10 -14.53
N PRO C 125 -9.80 34.40 -15.65
CA PRO C 125 -8.46 33.87 -15.92
C PRO C 125 -7.39 34.59 -15.11
N SER C 126 -6.40 33.82 -14.66
CA SER C 126 -5.17 34.41 -14.15
C SER C 126 -4.22 34.52 -15.32
N VAL C 127 -3.64 35.71 -15.49
CA VAL C 127 -2.77 36.03 -16.63
C VAL C 127 -1.36 36.23 -16.11
N TYR C 128 -0.41 35.60 -16.79
CA TYR C 128 0.97 35.62 -16.32
C TYR C 128 1.91 35.90 -17.49
N PRO C 129 2.89 36.77 -17.28
CA PRO C 129 3.85 37.08 -18.34
C PRO C 129 4.95 36.04 -18.42
N LEU C 130 5.43 35.83 -19.64
CA LEU C 130 6.48 34.87 -19.92
C LEU C 130 7.66 35.62 -20.50
N ALA C 131 8.70 35.77 -19.71
CA ALA C 131 9.92 36.40 -20.15
C ALA C 131 11.06 35.41 -19.92
N PRO C 132 12.11 35.45 -20.74
CA PRO C 132 13.21 34.50 -20.55
C PRO C 132 13.93 34.75 -19.24
N VAL C 133 14.57 33.69 -18.72
CA VAL C 133 15.44 33.87 -17.58
C VAL C 133 16.41 35.00 -17.90
N CYS C 134 16.50 35.97 -16.99
CA CYS C 134 17.08 37.29 -17.28
C CYS C 134 18.28 37.20 -18.22
N GLY C 135 18.23 38.01 -19.29
CA GLY C 135 19.26 38.01 -20.31
C GLY C 135 18.74 37.55 -21.65
N ASP C 136 18.99 38.33 -22.69
CA ASP C 136 18.62 37.93 -24.04
C ASP C 136 19.72 37.06 -24.65
N THR C 137 19.31 36.08 -25.43
CA THR C 137 20.22 35.09 -25.99
C THR C 137 21.05 35.73 -27.09
N THR C 138 21.72 34.89 -27.90
CA THR C 138 22.71 35.34 -28.88
C THR C 138 22.37 36.70 -29.46
N GLY C 139 21.10 36.91 -29.84
CA GLY C 139 20.69 38.27 -30.14
C GLY C 139 19.70 38.53 -31.25
N SER C 140 19.56 37.65 -32.24
CA SER C 140 18.72 37.98 -33.38
C SER C 140 17.27 38.21 -32.94
N SER C 141 16.67 37.21 -32.28
CA SER C 141 15.27 37.25 -31.87
C SER C 141 15.14 36.89 -30.40
N VAL C 142 14.07 37.39 -29.81
CA VAL C 142 13.64 37.04 -28.47
C VAL C 142 12.16 36.71 -28.53
N THR C 143 11.79 35.61 -27.90
CA THR C 143 10.40 35.16 -27.86
C THR C 143 9.85 35.43 -26.47
N LEU C 144 8.68 36.06 -26.42
CA LEU C 144 8.01 36.29 -25.16
C LEU C 144 6.63 35.68 -25.25
N GLY C 145 5.98 35.58 -24.12
CA GLY C 145 4.70 34.91 -24.13
C GLY C 145 3.82 35.36 -23.00
N CYS C 146 2.62 34.80 -23.00
N CYS C 146 2.58 34.91 -23.08
CA CYS C 146 1.55 35.22 -22.10
CA CYS C 146 1.61 35.18 -22.04
C CYS C 146 0.74 33.98 -21.76
C CYS C 146 0.86 33.89 -21.76
N LEU C 147 0.70 33.60 -20.48
CA LEU C 147 -0.01 32.43 -20.02
C LEU C 147 -1.35 32.84 -19.43
N VAL C 148 -2.41 32.18 -19.85
CA VAL C 148 -3.77 32.53 -19.47
C VAL C 148 -4.38 31.27 -18.84
N LYS C 149 -4.38 31.20 -17.52
CA LYS C 149 -4.55 29.93 -16.82
C LYS C 149 -5.81 29.90 -15.97
N GLY C 150 -6.57 28.81 -16.08
CA GLY C 150 -7.70 28.55 -15.20
C GLY C 150 -8.92 29.44 -15.36
N TYR C 151 -9.55 29.44 -16.53
CA TYR C 151 -10.78 30.21 -16.72
C TYR C 151 -11.87 29.29 -17.25
N PHE C 152 -13.10 29.80 -17.17
CA PHE C 152 -14.26 29.12 -17.72
C PHE C 152 -15.39 30.13 -17.84
N PRO C 153 -16.18 30.10 -18.91
CA PRO C 153 -16.01 29.23 -20.07
C PRO C 153 -15.12 29.85 -21.13
N GLU C 154 -15.18 29.29 -22.33
CA GLU C 154 -14.65 29.94 -23.51
C GLU C 154 -15.61 31.05 -23.93
N PRO C 155 -15.11 32.07 -24.65
CA PRO C 155 -13.73 32.21 -25.07
C PRO C 155 -13.02 33.30 -24.30
N VAL C 156 -11.74 33.48 -24.60
CA VAL C 156 -11.01 34.69 -24.30
C VAL C 156 -10.54 35.27 -25.63
N THR C 157 -10.20 36.54 -25.60
CA THR C 157 -9.52 37.20 -26.70
C THR C 157 -8.20 37.70 -26.19
N LEU C 158 -7.14 37.53 -26.98
CA LEU C 158 -5.78 37.90 -26.59
C LEU C 158 -5.15 38.72 -27.70
N THR C 159 -4.54 39.83 -27.33
CA THR C 159 -3.83 40.65 -28.29
C THR C 159 -2.50 41.07 -27.67
N TRP C 160 -1.63 41.61 -28.50
CA TRP C 160 -0.35 42.14 -28.07
C TRP C 160 -0.29 43.63 -28.40
N ASN C 161 0.09 44.43 -27.40
CA ASN C 161 0.05 45.89 -27.53
C ASN C 161 -1.26 46.32 -28.19
N SER C 162 -2.36 45.87 -27.58
CA SER C 162 -3.72 46.23 -27.99
C SER C 162 -3.94 46.09 -29.50
N GLY C 163 -3.26 45.13 -30.14
CA GLY C 163 -3.46 44.81 -31.53
C GLY C 163 -2.32 45.23 -32.44
N SER C 164 -1.62 46.32 -32.10
CA SER C 164 -0.59 46.82 -32.99
C SER C 164 0.52 45.82 -33.24
N LEU C 165 0.72 44.86 -32.35
CA LEU C 165 1.74 43.82 -32.49
C LEU C 165 1.05 42.52 -32.90
N SER C 166 1.12 42.20 -34.19
CA SER C 166 0.39 41.07 -34.73
C SER C 166 1.24 40.06 -35.49
N SER C 167 2.39 40.46 -36.03
CA SER C 167 3.27 39.53 -36.71
C SER C 167 4.20 38.87 -35.70
N GLY C 168 4.52 37.59 -35.96
CA GLY C 168 5.33 36.83 -35.03
C GLY C 168 4.56 36.33 -33.82
N VAL C 169 3.25 36.20 -33.92
CA VAL C 169 2.42 35.76 -32.82
C VAL C 169 1.85 34.38 -33.12
N HIS C 170 1.98 33.48 -32.16
CA HIS C 170 1.30 32.20 -32.15
C HIS C 170 0.41 32.20 -30.93
N THR C 171 -0.88 31.95 -31.13
CA THR C 171 -1.81 31.81 -30.02
C THR C 171 -2.26 30.37 -29.96
N PHE C 172 -2.11 29.74 -28.79
CA PHE C 172 -2.30 28.31 -28.75
C PHE C 172 -3.70 27.98 -28.26
N PRO C 173 -4.44 27.13 -29.00
CA PRO C 173 -5.80 26.80 -28.61
C PRO C 173 -5.89 26.40 -27.14
N ALA C 174 -6.97 26.84 -26.50
CA ALA C 174 -7.15 26.54 -25.10
C ALA C 174 -7.29 25.04 -24.91
N VAL C 175 -6.85 24.56 -23.76
CA VAL C 175 -7.01 23.16 -23.41
C VAL C 175 -7.76 23.10 -22.09
N LEU C 176 -8.68 22.15 -22.00
CA LEU C 176 -9.44 21.90 -20.79
C LEU C 176 -8.69 20.94 -19.90
N GLN C 177 -8.65 21.26 -18.62
CA GLN C 177 -7.94 20.41 -17.66
C GLN C 177 -8.42 20.79 -16.27
N SER C 178 -9.10 19.86 -15.59
CA SER C 178 -9.66 20.13 -14.26
C SER C 178 -10.84 21.09 -14.33
N ASP C 179 -11.64 20.98 -15.38
CA ASP C 179 -12.82 21.82 -15.56
C ASP C 179 -12.47 23.28 -15.85
N LEU C 180 -11.22 23.55 -16.23
CA LEU C 180 -10.78 24.92 -16.46
C LEU C 180 -9.94 24.97 -17.73
N TYR C 181 -10.14 26.03 -18.51
CA TYR C 181 -9.37 26.22 -19.73
C TYR C 181 -8.06 26.92 -19.43
N THR C 182 -7.06 26.61 -20.23
CA THR C 182 -5.80 27.30 -20.18
C THR C 182 -5.33 27.57 -21.60
N LEU C 183 -4.79 28.76 -21.80
CA LEU C 183 -4.36 29.21 -23.11
C LEU C 183 -3.03 29.91 -22.97
N SER C 184 -2.27 29.96 -24.06
CA SER C 184 -1.02 30.71 -24.04
C SER C 184 -0.78 31.30 -25.43
N SER C 185 0.10 32.27 -25.47
CA SER C 185 0.41 32.96 -26.70
C SER C 185 1.87 33.33 -26.65
N SER C 186 2.54 33.18 -27.77
CA SER C 186 3.93 33.58 -27.87
C SER C 186 4.03 34.70 -28.89
N VAL C 187 4.93 35.63 -28.64
CA VAL C 187 5.25 36.68 -29.58
C VAL C 187 6.77 36.72 -29.72
N THR C 188 7.24 36.88 -30.95
CA THR C 188 8.65 36.92 -31.27
C THR C 188 8.98 38.25 -31.90
N VAL C 189 10.00 38.93 -31.37
CA VAL C 189 10.42 40.24 -31.89
C VAL C 189 11.94 40.32 -31.87
N THR C 190 12.46 41.32 -32.59
CA THR C 190 13.90 41.61 -32.57
C THR C 190 14.36 41.84 -31.14
N SER C 191 15.49 41.24 -30.76
CA SER C 191 16.03 41.53 -29.44
C SER C 191 16.41 43.01 -29.31
N SER C 192 16.52 43.70 -30.44
CA SER C 192 16.72 45.15 -30.48
C SER C 192 15.55 45.92 -29.87
N THR C 193 14.36 45.32 -29.77
CA THR C 193 13.17 46.09 -29.44
C THR C 193 12.48 45.73 -28.14
N TRP C 194 12.58 44.49 -27.62
CA TRP C 194 11.85 44.20 -26.39
C TRP C 194 12.54 44.80 -25.16
N PRO C 195 13.78 44.44 -24.85
CA PRO C 195 14.42 45.06 -23.68
C PRO C 195 14.18 46.56 -23.59
N SER C 196 14.00 47.18 -24.75
CA SER C 196 13.74 48.65 -24.84
C SER C 196 12.24 48.92 -24.89
N GLN C 197 11.58 48.65 -26.02
CA GLN C 197 10.14 48.97 -26.21
C GLN C 197 9.28 48.06 -25.35
N SER C 198 8.08 48.49 -25.01
CA SER C 198 7.24 47.71 -24.07
C SER C 198 6.35 46.70 -24.79
N ILE C 199 6.24 45.49 -24.24
CA ILE C 199 5.35 44.48 -24.80
C ILE C 199 4.36 44.08 -23.70
N THR C 200 3.08 44.08 -24.06
CA THR C 200 2.00 43.81 -23.13
C THR C 200 1.00 42.90 -23.83
N CYS C 201 0.42 41.96 -23.10
N CYS C 201 0.41 41.99 -23.07
CA CYS C 201 -0.63 41.12 -23.64
CA CYS C 201 -0.63 41.11 -23.57
C CYS C 201 -1.96 41.52 -23.04
C CYS C 201 -1.98 41.55 -23.01
N ASN C 202 -2.99 41.58 -23.88
CA ASN C 202 -4.32 42.02 -23.50
C ASN C 202 -5.24 40.84 -23.60
N VAL C 203 -5.90 40.54 -22.50
CA VAL C 203 -6.74 39.36 -22.39
C VAL C 203 -8.10 39.83 -21.94
N ALA C 204 -9.13 39.50 -22.72
CA ALA C 204 -10.50 39.82 -22.39
C ALA C 204 -11.24 38.52 -22.13
N HIS C 205 -12.08 38.51 -21.10
CA HIS C 205 -12.89 37.35 -20.80
C HIS C 205 -14.31 37.86 -20.52
N PRO C 206 -15.16 37.90 -21.54
CA PRO C 206 -16.49 38.49 -21.34
C PRO C 206 -17.32 37.83 -20.24
N ALA C 207 -17.33 36.50 -20.17
CA ALA C 207 -18.21 35.84 -19.19
C ALA C 207 -17.98 36.37 -17.78
N SER C 208 -16.75 36.82 -17.47
CA SER C 208 -16.44 37.36 -16.16
C SER C 208 -16.22 38.87 -16.20
N SER C 209 -16.44 39.51 -17.35
CA SER C 209 -16.23 40.96 -17.48
C SER C 209 -14.80 41.35 -17.12
N THR C 210 -13.85 40.52 -17.55
CA THR C 210 -12.45 40.65 -17.15
C THR C 210 -11.63 41.19 -18.31
N LYS C 211 -10.91 42.28 -18.06
CA LYS C 211 -9.97 42.80 -19.04
C LYS C 211 -8.64 42.90 -18.32
N VAL C 212 -7.66 42.14 -18.79
CA VAL C 212 -6.35 42.13 -18.16
C VAL C 212 -5.34 42.66 -19.15
N ASP C 213 -4.41 43.45 -18.65
CA ASP C 213 -3.24 43.86 -19.40
C ASP C 213 -2.05 43.41 -18.59
N LYS C 214 -1.12 42.74 -19.23
CA LYS C 214 0.01 42.14 -18.54
C LYS C 214 1.27 42.51 -19.30
N LYS C 215 2.04 43.41 -18.72
CA LYS C 215 3.28 43.86 -19.32
C LYS C 215 4.35 42.80 -19.12
N ILE C 216 5.07 42.48 -20.18
CA ILE C 216 6.18 41.52 -20.05
C ILE C 216 7.42 42.34 -19.66
N SER C 217 7.97 42.04 -18.50
CA SER C 217 9.10 42.85 -17.99
C SER C 217 10.37 42.00 -17.88
N ALA C 218 11.53 42.63 -18.05
CA ALA C 218 12.83 41.94 -17.88
C ALA C 218 13.00 41.54 -16.41
N ASP D 1 -34.23 13.13 -45.41
CA ASP D 1 -33.07 13.75 -44.79
C ASP D 1 -31.78 13.41 -45.54
N VAL D 2 -31.45 14.25 -46.53
CA VAL D 2 -30.31 14.00 -47.40
C VAL D 2 -29.04 13.97 -46.59
N LEU D 3 -28.29 12.88 -46.67
CA LEU D 3 -26.99 12.83 -46.04
C LEU D 3 -25.92 13.20 -47.05
N MET D 4 -24.91 13.91 -46.59
CA MET D 4 -23.80 14.29 -47.43
C MET D 4 -22.56 13.61 -46.89
N THR D 5 -21.90 12.82 -47.73
CA THR D 5 -20.70 12.07 -47.36
C THR D 5 -19.52 12.63 -48.13
N GLN D 6 -18.48 12.99 -47.42
CA GLN D 6 -17.41 13.75 -48.01
C GLN D 6 -16.13 12.93 -47.94
N THR D 7 -15.45 12.81 -49.07
CA THR D 7 -14.25 12.02 -49.19
C THR D 7 -13.19 12.88 -49.86
N PRO D 8 -11.94 12.82 -49.39
CA PRO D 8 -11.59 12.10 -48.15
C PRO D 8 -11.81 12.97 -46.91
N LEU D 9 -11.58 12.43 -45.72
CA LEU D 9 -11.72 13.28 -44.54
C LEU D 9 -10.49 14.14 -44.31
N SER D 10 -9.32 13.69 -44.78
CA SER D 10 -8.09 14.43 -44.64
C SER D 10 -7.28 14.30 -45.92
N LEU D 11 -6.74 15.41 -46.41
CA LEU D 11 -6.05 15.42 -47.70
C LEU D 11 -4.74 16.18 -47.61
N PRO D 12 -3.62 15.47 -47.55
CA PRO D 12 -2.32 16.15 -47.63
C PRO D 12 -1.97 16.42 -49.09
N VAL D 13 -1.55 17.65 -49.38
CA VAL D 13 -1.19 18.05 -50.74
C VAL D 13 0.01 18.98 -50.66
N SER D 14 0.92 18.87 -51.63
CA SER D 14 2.04 19.79 -51.68
C SER D 14 1.64 21.07 -52.38
N LEU D 15 2.38 22.13 -52.08
CA LEU D 15 2.19 23.39 -52.80
C LEU D 15 2.42 23.17 -54.31
N GLY D 16 1.56 23.79 -55.12
CA GLY D 16 1.61 23.62 -56.55
C GLY D 16 0.92 22.38 -57.08
N ASP D 17 0.58 21.42 -56.21
CA ASP D 17 -0.11 20.22 -56.66
C ASP D 17 -1.61 20.44 -56.76
N GLN D 18 -2.30 19.46 -57.31
CA GLN D 18 -3.75 19.50 -57.44
C GLN D 18 -4.40 18.63 -56.39
N ALA D 19 -5.52 19.11 -55.85
CA ALA D 19 -6.29 18.37 -54.87
C ALA D 19 -7.73 18.27 -55.36
N SER D 20 -8.37 17.15 -55.04
CA SER D 20 -9.75 16.96 -55.42
C SER D 20 -10.52 16.43 -54.22
N ILE D 21 -11.69 17.01 -53.96
CA ILE D 21 -12.54 16.65 -52.84
C ILE D 21 -13.85 16.14 -53.40
N SER D 22 -14.36 15.06 -52.85
CA SER D 22 -15.57 14.45 -53.37
C SER D 22 -16.67 14.46 -52.32
N CYS D 23 -17.89 14.68 -52.79
CA CYS D 23 -19.08 14.74 -51.97
C CYS D 23 -20.12 13.84 -52.61
N ARG D 24 -20.63 12.87 -51.87
CA ARG D 24 -21.71 12.03 -52.35
C ARG D 24 -22.95 12.26 -51.50
N SER D 25 -24.06 12.59 -52.15
CA SER D 25 -25.33 12.81 -51.46
C SER D 25 -26.10 11.50 -51.46
N SER D 26 -26.73 11.19 -50.33
CA SER D 26 -27.40 9.90 -50.18
C SER D 26 -28.58 9.75 -51.15
N GLN D 27 -29.00 10.83 -51.79
CA GLN D 27 -30.03 10.74 -52.81
C GLN D 27 -29.88 11.96 -53.71
N SER D 28 -30.66 11.97 -54.79
CA SER D 28 -30.59 13.08 -55.72
C SER D 28 -30.77 14.39 -54.99
N ILE D 29 -29.96 15.38 -55.35
CA ILE D 29 -30.15 16.74 -54.89
C ILE D 29 -30.53 17.66 -56.03
N VAL D 30 -30.90 17.08 -57.18
CA VAL D 30 -31.50 17.85 -58.27
C VAL D 30 -32.90 18.23 -57.83
N HIS D 31 -33.17 19.53 -57.74
CA HIS D 31 -34.49 19.99 -57.36
C HIS D 31 -35.47 19.83 -58.52
N SER D 32 -36.76 19.87 -58.21
CA SER D 32 -37.79 19.74 -59.24
C SER D 32 -37.62 20.81 -60.32
N ASN D 33 -37.20 22.02 -59.95
CA ASN D 33 -37.03 23.11 -60.91
C ASN D 33 -35.79 22.95 -61.79
N GLY D 34 -35.05 21.85 -61.68
CA GLY D 34 -33.92 21.57 -62.53
C GLY D 34 -32.56 21.95 -61.97
N ASN D 35 -32.52 22.89 -61.01
CA ASN D 35 -31.26 23.32 -60.41
C ASN D 35 -30.81 22.37 -59.32
N THR D 36 -29.48 22.27 -59.14
CA THR D 36 -28.84 21.51 -58.08
C THR D 36 -28.15 22.46 -57.13
N TYR D 37 -28.71 22.63 -55.94
CA TYR D 37 -28.24 23.66 -55.01
C TYR D 37 -27.07 23.18 -54.13
N LEU D 38 -25.99 22.76 -54.79
CA LEU D 38 -24.85 22.21 -54.08
C LEU D 38 -23.74 23.25 -53.95
N GLU D 39 -23.44 23.66 -52.72
CA GLU D 39 -22.41 24.65 -52.48
C GLU D 39 -21.19 24.02 -51.82
N TRP D 40 -20.04 24.69 -51.98
CA TRP D 40 -18.83 24.33 -51.27
C TRP D 40 -18.38 25.53 -50.44
N TYR D 41 -18.14 25.28 -49.15
CA TYR D 41 -17.70 26.28 -48.18
C TYR D 41 -16.32 25.90 -47.66
N LEU D 42 -15.56 26.91 -47.28
CA LEU D 42 -14.21 26.76 -46.79
C LEU D 42 -14.12 27.46 -45.45
N GLN D 43 -13.65 26.74 -44.44
CA GLN D 43 -13.46 27.30 -43.10
C GLN D 43 -11.98 27.24 -42.75
N LYS D 44 -11.31 28.37 -42.84
CA LYS D 44 -9.93 28.42 -42.42
C LYS D 44 -9.88 28.46 -40.90
N PRO D 45 -8.76 28.08 -40.31
CA PRO D 45 -8.69 28.00 -38.85
C PRO D 45 -9.06 29.33 -38.22
N GLY D 46 -9.92 29.27 -37.20
CA GLY D 46 -10.33 30.46 -36.48
C GLY D 46 -11.18 31.46 -37.24
N GLN D 47 -11.81 31.06 -38.35
CA GLN D 47 -12.63 31.97 -39.14
C GLN D 47 -13.99 31.35 -39.42
N SER D 48 -14.94 32.21 -39.76
CA SER D 48 -16.22 31.74 -40.23
C SER D 48 -16.08 31.07 -41.60
N PRO D 49 -16.98 30.16 -41.93
CA PRO D 49 -17.01 29.60 -43.28
C PRO D 49 -17.18 30.70 -44.32
N LYS D 50 -16.52 30.51 -45.47
CA LYS D 50 -16.62 31.38 -46.62
C LYS D 50 -17.09 30.55 -47.81
N LEU D 51 -17.95 31.16 -48.63
CA LEU D 51 -18.52 30.49 -49.80
C LEU D 51 -17.50 30.42 -50.93
N LEU D 52 -17.36 29.25 -51.55
CA LEU D 52 -16.45 29.10 -52.67
C LEU D 52 -17.19 28.87 -53.99
N ILE D 53 -18.16 27.97 -54.00
CA ILE D 53 -18.87 27.58 -55.21
C ILE D 53 -20.33 27.36 -54.85
N TYR D 54 -21.19 27.82 -55.74
CA TYR D 54 -22.64 27.64 -55.62
C TYR D 54 -23.17 26.98 -56.88
N LYS D 55 -24.30 26.31 -56.76
CA LYS D 55 -24.95 25.68 -57.91
C LYS D 55 -23.97 24.78 -58.66
N VAL D 56 -23.22 23.96 -57.91
CA VAL D 56 -22.28 22.95 -58.46
C VAL D 56 -20.99 23.54 -59.02
N SER D 57 -21.07 24.50 -59.94
CA SER D 57 -19.87 24.96 -60.67
C SER D 57 -19.72 26.48 -60.69
N ASN D 58 -20.54 27.21 -59.96
CA ASN D 58 -20.47 28.65 -60.08
C ASN D 58 -19.55 29.18 -58.98
N ARG D 59 -18.48 29.83 -59.42
CA ARG D 59 -17.49 30.37 -58.51
C ARG D 59 -17.97 31.71 -57.97
N PHE D 60 -17.97 31.84 -56.66
CA PHE D 60 -18.39 33.06 -56.00
C PHE D 60 -17.38 34.18 -56.27
N SER D 61 -17.83 35.42 -56.01
CA SER D 61 -17.03 36.62 -56.28
C SER D 61 -15.72 36.63 -55.51
N GLY D 62 -14.63 36.89 -56.22
CA GLY D 62 -13.32 36.92 -55.59
C GLY D 62 -12.69 35.58 -55.33
N VAL D 63 -13.30 34.49 -55.79
CA VAL D 63 -12.74 33.15 -55.60
C VAL D 63 -11.74 32.88 -56.72
N PRO D 64 -10.49 32.51 -56.39
CA PRO D 64 -9.49 32.26 -57.43
C PRO D 64 -9.97 31.22 -58.44
N ASP D 65 -9.45 31.33 -59.67
CA ASP D 65 -9.85 30.43 -60.76
C ASP D 65 -9.39 28.98 -60.53
N ARG D 66 -8.40 28.77 -59.67
CA ARG D 66 -7.92 27.40 -59.39
C ARG D 66 -8.97 26.53 -58.71
N PHE D 67 -10.07 27.11 -58.23
CA PHE D 67 -11.16 26.37 -57.60
C PHE D 67 -12.25 26.12 -58.61
N SER D 68 -12.61 24.87 -58.83
CA SER D 68 -13.68 24.56 -59.76
C SER D 68 -14.49 23.38 -59.23
N GLY D 69 -15.79 23.43 -59.46
CA GLY D 69 -16.70 22.41 -58.99
C GLY D 69 -17.36 21.72 -60.15
N SER D 70 -17.62 20.43 -59.99
CA SER D 70 -18.25 19.61 -61.01
C SER D 70 -19.16 18.60 -60.31
N GLY D 71 -19.88 17.81 -61.10
CA GLY D 71 -20.71 16.76 -60.57
C GLY D 71 -22.10 16.77 -61.17
N SER D 72 -22.82 15.67 -60.93
CA SER D 72 -24.15 15.48 -61.50
C SER D 72 -24.94 14.53 -60.61
N GLY D 73 -26.08 15.02 -60.10
CA GLY D 73 -27.05 14.23 -59.39
C GLY D 73 -26.73 13.98 -57.92
N THR D 74 -25.81 13.04 -57.67
CA THR D 74 -25.43 12.67 -56.32
C THR D 74 -23.93 12.65 -56.10
N ASP D 75 -23.10 12.86 -57.12
CA ASP D 75 -21.66 12.85 -56.98
C ASP D 75 -21.11 14.20 -57.43
N PHE D 76 -20.29 14.80 -56.59
CA PHE D 76 -19.78 16.14 -56.84
C PHE D 76 -18.31 16.20 -56.47
N THR D 77 -17.60 17.15 -57.09
CA THR D 77 -16.16 17.27 -56.89
C THR D 77 -15.77 18.74 -56.84
N LEU D 78 -15.02 19.08 -55.80
CA LEU D 78 -14.25 20.31 -55.73
C LEU D 78 -12.82 19.95 -56.09
N LYS D 79 -12.25 20.73 -57.00
CA LYS D 79 -10.90 20.50 -57.51
C LYS D 79 -10.13 21.78 -57.28
N ILE D 80 -8.93 21.65 -56.73
CA ILE D 80 -8.06 22.78 -56.51
C ILE D 80 -6.79 22.47 -57.29
N SER D 81 -6.65 23.08 -58.46
CA SER D 81 -5.39 23.02 -59.15
C SER D 81 -4.41 24.00 -58.48
N ARG D 82 -3.13 23.68 -58.53
CA ARG D 82 -2.08 24.56 -57.99
C ARG D 82 -2.45 25.10 -56.60
N VAL D 83 -2.45 24.18 -55.62
CA VAL D 83 -2.83 24.57 -54.26
C VAL D 83 -1.84 25.55 -53.68
N GLU D 84 -2.34 26.53 -52.94
CA GLU D 84 -1.52 27.52 -52.25
C GLU D 84 -1.64 27.31 -50.74
N ALA D 85 -0.65 27.83 -50.02
CA ALA D 85 -0.62 27.64 -48.57
C ALA D 85 -1.89 28.12 -47.90
N GLU D 86 -2.55 29.11 -48.48
CA GLU D 86 -3.73 29.73 -47.90
C GLU D 86 -4.98 28.89 -48.12
N ASP D 87 -4.87 27.81 -48.87
CA ASP D 87 -6.03 26.98 -49.15
C ASP D 87 -6.33 25.99 -48.03
N LEU D 88 -5.47 25.88 -47.02
CA LEU D 88 -5.71 24.90 -45.97
C LEU D 88 -6.89 25.32 -45.11
N GLY D 89 -7.56 24.32 -44.57
CA GLY D 89 -8.79 24.51 -43.83
C GLY D 89 -9.70 23.35 -44.15
N VAL D 90 -10.91 23.45 -43.67
CA VAL D 90 -11.89 22.39 -43.84
C VAL D 90 -12.90 22.80 -44.88
N TYR D 91 -13.05 21.96 -45.90
CA TYR D 91 -13.97 22.17 -47.00
C TYR D 91 -15.24 21.40 -46.70
N TYR D 92 -16.39 22.07 -46.81
CA TYR D 92 -17.69 21.46 -46.58
C TYR D 92 -18.53 21.57 -47.83
N CYS D 93 -19.07 20.45 -48.30
CA CYS D 93 -20.15 20.62 -49.25
C CYS D 93 -21.45 20.84 -48.50
N PHE D 94 -22.47 21.31 -49.22
CA PHE D 94 -23.74 21.69 -48.60
C PHE D 94 -24.82 21.67 -49.67
N GLN D 95 -25.99 21.15 -49.32
CA GLN D 95 -27.10 21.04 -50.25
C GLN D 95 -28.30 21.79 -49.70
N GLY D 96 -28.84 22.69 -50.51
CA GLY D 96 -30.05 23.38 -50.17
C GLY D 96 -31.20 23.00 -51.07
N SER D 97 -31.14 21.83 -51.69
CA SER D 97 -32.24 21.40 -52.55
C SER D 97 -33.38 20.74 -51.81
N HIS D 98 -33.16 20.19 -50.62
CA HIS D 98 -34.24 19.54 -49.88
C HIS D 98 -34.08 19.83 -48.40
N VAL D 99 -35.11 20.43 -47.82
CA VAL D 99 -35.12 20.68 -46.37
C VAL D 99 -35.20 19.35 -45.64
N PRO D 100 -34.45 19.17 -44.54
CA PRO D 100 -33.56 20.20 -44.03
C PRO D 100 -32.26 20.26 -44.81
N TYR D 101 -31.73 21.46 -45.00
CA TYR D 101 -30.43 21.57 -45.65
C TYR D 101 -29.38 20.86 -44.81
N THR D 102 -28.41 20.23 -45.47
CA THR D 102 -27.40 19.47 -44.75
C THR D 102 -26.02 19.74 -45.33
N PHE D 103 -25.04 19.67 -44.45
CA PHE D 103 -23.62 19.79 -44.79
C PHE D 103 -23.00 18.40 -44.85
N GLY D 104 -21.95 18.29 -45.64
CA GLY D 104 -21.09 17.14 -45.56
C GLY D 104 -20.25 17.22 -44.30
N GLY D 105 -19.65 16.08 -43.95
CA GLY D 105 -18.86 16.00 -42.74
C GLY D 105 -17.59 16.84 -42.75
N GLY D 106 -17.10 17.22 -43.93
CA GLY D 106 -15.90 18.04 -43.98
C GLY D 106 -14.61 17.34 -44.36
N THR D 107 -13.76 18.03 -45.10
CA THR D 107 -12.47 17.52 -45.56
C THR D 107 -11.39 18.54 -45.20
N LYS D 108 -10.52 18.15 -44.28
CA LYS D 108 -9.40 18.98 -43.87
C LYS D 108 -8.30 18.87 -44.91
N LEU D 109 -8.00 19.99 -45.56
CA LEU D 109 -6.88 20.02 -46.46
C LEU D 109 -5.65 20.44 -45.68
N GLU D 110 -4.56 19.67 -45.84
CA GLU D 110 -3.32 19.88 -45.10
C GLU D 110 -2.19 20.06 -46.09
N ILE D 111 -1.25 20.94 -45.76
CA ILE D 111 -0.13 21.21 -46.64
C ILE D 111 1.01 20.28 -46.27
N LYS D 112 1.45 19.48 -47.25
CA LYS D 112 2.66 18.68 -47.13
C LYS D 112 3.84 19.57 -47.52
N ARG D 113 4.88 19.58 -46.70
CA ARG D 113 6.05 20.42 -46.95
C ARG D 113 7.28 19.77 -46.34
N ALA D 114 8.44 20.38 -46.60
CA ALA D 114 9.70 19.86 -46.11
C ALA D 114 9.85 20.10 -44.62
N ASP D 115 10.72 19.31 -44.02
CA ASP D 115 10.91 19.35 -42.58
C ASP D 115 11.45 20.70 -42.14
N ALA D 116 11.03 21.13 -40.95
CA ALA D 116 11.55 22.35 -40.31
C ALA D 116 11.70 22.04 -38.84
N ALA D 117 12.90 22.28 -38.31
CA ALA D 117 13.13 22.05 -36.90
C ALA D 117 12.46 23.15 -36.08
N PRO D 118 12.00 22.81 -34.88
CA PRO D 118 11.35 23.81 -34.04
C PRO D 118 12.38 24.73 -33.39
N THR D 119 11.92 25.95 -33.08
CA THR D 119 12.67 26.95 -32.32
C THR D 119 12.12 26.92 -30.90
N VAL D 120 12.94 26.51 -29.93
CA VAL D 120 12.45 26.20 -28.59
C VAL D 120 12.89 27.26 -27.60
N SER D 121 11.95 27.68 -26.75
CA SER D 121 12.32 28.56 -25.65
C SER D 121 11.54 28.17 -24.40
N ILE D 122 12.19 28.28 -23.27
CA ILE D 122 11.57 27.94 -22.00
C ILE D 122 11.43 29.20 -21.17
N PHE D 123 10.46 29.19 -20.25
CA PHE D 123 10.13 30.33 -19.45
C PHE D 123 9.88 29.88 -18.01
N PRO D 124 10.54 30.49 -17.04
CA PRO D 124 10.28 30.15 -15.64
C PRO D 124 8.95 30.73 -15.19
N PRO D 125 8.40 30.25 -14.08
CA PRO D 125 7.16 30.84 -13.60
C PRO D 125 7.37 32.30 -13.27
N SER D 126 6.36 33.12 -13.59
CA SER D 126 6.44 34.54 -13.25
C SER D 126 6.45 34.73 -11.75
N SER D 127 7.04 35.85 -11.33
CA SER D 127 6.95 36.25 -9.93
C SER D 127 5.50 36.38 -9.49
N GLU D 128 4.62 36.82 -10.38
CA GLU D 128 3.22 36.99 -10.03
C GLU D 128 2.55 35.66 -9.70
N GLN D 129 2.79 34.63 -10.52
CA GLN D 129 2.19 33.33 -10.25
C GLN D 129 2.74 32.71 -8.96
N LEU D 130 4.05 32.85 -8.72
CA LEU D 130 4.62 32.28 -7.49
C LEU D 130 3.96 32.90 -6.27
N THR D 131 3.77 34.22 -6.27
CA THR D 131 3.06 34.89 -5.18
C THR D 131 1.74 34.22 -4.87
N SER D 132 1.00 33.78 -5.90
CA SER D 132 -0.26 33.08 -5.69
C SER D 132 -0.07 31.61 -5.35
N GLY D 133 1.16 31.14 -5.15
CA GLY D 133 1.38 29.77 -4.77
C GLY D 133 1.43 28.76 -5.90
N GLY D 134 1.43 29.22 -7.15
CA GLY D 134 1.53 28.33 -8.27
C GLY D 134 2.86 28.52 -9.00
N ALA D 135 3.27 27.54 -9.79
CA ALA D 135 4.49 27.68 -10.58
C ALA D 135 4.32 26.91 -11.88
N SER D 136 4.17 27.62 -12.98
CA SER D 136 4.09 27.04 -14.31
C SER D 136 5.39 27.30 -15.05
N VAL D 137 5.95 26.26 -15.65
CA VAL D 137 7.08 26.38 -16.55
C VAL D 137 6.55 26.15 -17.96
N VAL D 138 6.99 26.95 -18.90
CA VAL D 138 6.40 26.90 -20.22
C VAL D 138 7.46 26.73 -21.27
N CYS D 139 7.14 25.92 -22.27
CA CYS D 139 8.02 25.64 -23.38
C CYS D 139 7.26 25.93 -24.67
N PHE D 140 7.81 26.81 -25.49
CA PHE D 140 7.27 27.10 -26.81
C PHE D 140 8.12 26.39 -27.84
N LEU D 141 7.46 25.66 -28.74
CA LEU D 141 8.12 24.99 -29.87
C LEU D 141 7.42 25.51 -31.12
N ASN D 142 8.10 26.39 -31.85
CA ASN D 142 7.46 27.20 -32.88
C ASN D 142 7.99 26.86 -34.26
N ASN D 143 7.07 26.84 -35.24
CA ASN D 143 7.38 26.77 -36.66
C ASN D 143 8.19 25.53 -37.05
N PHE D 144 7.59 24.35 -36.84
CA PHE D 144 8.22 23.10 -37.22
C PHE D 144 7.25 22.30 -38.08
N TYR D 145 7.83 21.35 -38.83
CA TYR D 145 7.07 20.46 -39.67
C TYR D 145 7.90 19.19 -39.84
N PRO D 146 7.30 18.00 -39.69
CA PRO D 146 5.87 17.79 -39.46
C PRO D 146 5.48 18.05 -38.01
N LYS D 147 4.18 18.02 -37.73
CA LYS D 147 3.76 18.34 -36.37
C LYS D 147 4.15 17.25 -35.37
N ASP D 148 4.59 16.09 -35.86
CA ASP D 148 5.04 15.01 -34.99
C ASP D 148 6.20 15.49 -34.13
N ILE D 149 5.98 15.57 -32.83
CA ILE D 149 6.99 16.06 -31.93
C ILE D 149 6.71 15.47 -30.56
N ASN D 150 7.77 15.14 -29.85
CA ASN D 150 7.65 14.67 -28.48
C ASN D 150 8.45 15.60 -27.60
N VAL D 151 7.85 15.97 -26.47
CA VAL D 151 8.45 16.89 -25.52
C VAL D 151 8.52 16.19 -24.18
N LYS D 152 9.70 16.18 -23.60
CA LYS D 152 9.92 15.56 -22.31
C LYS D 152 10.37 16.66 -21.37
N TRP D 153 9.76 16.73 -20.19
CA TRP D 153 10.15 17.65 -19.13
C TRP D 153 11.03 16.92 -18.12
N LYS D 154 12.09 17.58 -17.70
CA LYS D 154 12.96 17.01 -16.67
C LYS D 154 13.13 18.04 -15.55
N ILE D 155 13.05 17.56 -14.31
CA ILE D 155 13.31 18.37 -13.13
C ILE D 155 14.54 17.78 -12.45
N ASP D 156 15.60 18.56 -12.36
CA ASP D 156 16.82 18.05 -11.76
C ASP D 156 17.34 16.85 -12.54
N GLY D 157 17.08 16.79 -13.83
CA GLY D 157 17.55 15.71 -14.67
C GLY D 157 16.67 14.47 -14.75
N SER D 158 15.56 14.42 -14.01
CA SER D 158 14.65 13.28 -14.02
C SER D 158 13.33 13.67 -14.69
N GLU D 159 12.88 12.83 -15.62
CA GLU D 159 11.63 13.11 -16.32
C GLU D 159 10.48 13.20 -15.32
N VAL D 160 9.45 13.98 -15.69
CA VAL D 160 8.32 14.24 -14.81
C VAL D 160 7.08 13.58 -15.36
N GLN D 161 6.27 13.02 -14.46
CA GLN D 161 5.09 12.28 -14.85
C GLN D 161 3.99 13.17 -15.39
N ASN D 162 3.52 14.11 -14.57
CA ASN D 162 2.22 14.75 -14.72
C ASN D 162 2.37 16.26 -14.66
N GLY D 163 1.22 16.95 -14.69
CA GLY D 163 1.21 18.40 -14.70
C GLY D 163 1.59 18.99 -16.03
N VAL D 164 1.52 18.22 -17.11
CA VAL D 164 1.91 18.66 -18.45
C VAL D 164 0.65 18.91 -19.27
N LEU D 165 0.53 20.11 -19.83
CA LEU D 165 -0.54 20.44 -20.76
C LEU D 165 0.12 20.85 -22.07
N ASN D 166 -0.29 20.20 -23.16
CA ASN D 166 0.24 20.47 -24.48
C ASN D 166 -0.84 21.06 -25.36
N SER D 167 -0.42 21.94 -26.27
CA SER D 167 -1.39 22.54 -27.18
C SER D 167 -0.67 22.85 -28.48
N TRP D 168 -1.22 22.35 -29.58
CA TRP D 168 -0.73 22.57 -30.92
C TRP D 168 -1.59 23.64 -31.58
N THR D 169 -0.94 24.45 -32.41
CA THR D 169 -1.72 25.31 -33.27
C THR D 169 -2.17 24.53 -34.49
N ASP D 170 -3.15 25.09 -35.18
CA ASP D 170 -3.45 24.66 -36.53
C ASP D 170 -2.27 24.99 -37.44
N GLN D 171 -2.25 24.35 -38.60
CA GLN D 171 -1.16 24.58 -39.54
C GLN D 171 -1.15 26.04 -39.98
N ASP D 172 0.05 26.57 -40.17
CA ASP D 172 0.20 27.96 -40.50
C ASP D 172 -0.10 28.21 -41.98
N SER D 173 -1.03 29.13 -42.26
CA SER D 173 -1.48 29.39 -43.62
C SER D 173 -0.44 30.10 -44.48
N LYS D 174 0.72 30.45 -43.94
CA LYS D 174 1.76 31.11 -44.69
C LYS D 174 2.98 30.23 -44.92
N ASP D 175 3.55 29.64 -43.88
CA ASP D 175 4.69 28.74 -44.01
C ASP D 175 4.34 27.28 -43.78
N SER D 176 3.08 26.97 -43.53
CA SER D 176 2.59 25.61 -43.40
C SER D 176 3.25 24.84 -42.25
N THR D 177 3.87 25.55 -41.31
CA THR D 177 4.41 24.88 -40.14
C THR D 177 3.40 24.84 -39.00
N TYR D 178 3.76 24.10 -37.97
CA TYR D 178 3.00 24.01 -36.75
C TYR D 178 3.83 24.61 -35.64
N SER D 179 3.14 25.00 -34.57
CA SER D 179 3.80 25.42 -33.36
C SER D 179 3.12 24.72 -32.20
N MET D 180 3.77 24.73 -31.03
CA MET D 180 3.20 24.00 -29.93
C MET D 180 3.64 24.60 -28.61
N SER D 181 2.75 24.55 -27.64
CA SER D 181 3.02 25.03 -26.30
C SER D 181 2.95 23.88 -25.31
N SER D 182 3.97 23.78 -24.46
CA SER D 182 4.01 22.79 -23.39
C SER D 182 4.17 23.48 -22.03
N THR D 183 3.31 23.14 -21.08
CA THR D 183 3.28 23.80 -19.79
C THR D 183 3.39 22.79 -18.66
N LEU D 184 4.33 23.03 -17.76
CA LEU D 184 4.55 22.18 -16.59
C LEU D 184 4.12 22.97 -15.36
N THR D 185 3.05 22.52 -14.71
CA THR D 185 2.47 23.23 -13.58
C THR D 185 2.79 22.51 -12.28
N LEU D 186 3.41 23.23 -11.36
CA LEU D 186 3.71 22.75 -10.02
C LEU D 186 3.17 23.77 -9.03
N THR D 187 3.11 23.36 -7.76
CA THR D 187 2.89 24.33 -6.70
C THR D 187 4.16 25.14 -6.49
N LYS D 188 4.01 26.33 -5.88
CA LYS D 188 5.20 27.12 -5.58
C LYS D 188 6.16 26.35 -4.69
N ASP D 189 5.64 25.65 -3.68
CA ASP D 189 6.49 24.91 -2.77
C ASP D 189 7.23 23.79 -3.50
N GLU D 190 6.53 23.10 -4.40
CA GLU D 190 7.17 22.06 -5.20
C GLU D 190 8.28 22.64 -6.06
N TYR D 191 8.01 23.77 -6.71
CA TYR D 191 8.99 24.29 -7.66
C TYR D 191 10.24 24.78 -6.95
N GLU D 192 10.12 25.23 -5.71
CA GLU D 192 11.28 25.77 -5.02
C GLU D 192 12.12 24.70 -4.32
N ARG D 193 11.74 23.42 -4.40
CA ARG D 193 12.61 22.37 -3.90
C ARG D 193 13.40 21.69 -5.00
N HIS D 194 13.54 22.33 -6.16
CA HIS D 194 14.38 21.80 -7.23
C HIS D 194 15.12 22.97 -7.85
N ASN D 195 16.10 22.65 -8.69
CA ASN D 195 16.97 23.71 -9.17
C ASN D 195 16.95 23.89 -10.69
N SER D 196 16.90 22.81 -11.46
CA SER D 196 16.96 22.90 -12.90
C SER D 196 15.64 22.46 -13.51
N TYR D 197 15.27 23.12 -14.60
CA TYR D 197 14.04 22.82 -15.31
C TYR D 197 14.40 22.75 -16.78
N THR D 198 13.97 21.67 -17.45
CA THR D 198 14.36 21.35 -18.80
C THR D 198 13.15 20.88 -19.60
N CYS D 199 13.03 21.36 -20.85
CA CYS D 199 12.17 20.66 -21.82
C CYS D 199 13.08 20.15 -22.92
N GLU D 200 12.88 18.90 -23.31
CA GLU D 200 13.65 18.27 -24.38
C GLU D 200 12.68 17.91 -25.50
N ALA D 201 12.98 18.41 -26.69
CA ALA D 201 12.10 18.24 -27.84
C ALA D 201 12.75 17.28 -28.82
N THR D 202 12.06 16.20 -29.14
CA THR D 202 12.49 15.24 -30.13
C THR D 202 11.66 15.41 -31.38
N HIS D 203 12.34 15.77 -32.47
CA HIS D 203 11.72 15.97 -33.77
C HIS D 203 12.56 15.26 -34.84
N LYS D 204 11.88 14.72 -35.86
CA LYS D 204 12.61 13.97 -36.88
C LYS D 204 13.79 14.74 -37.46
N THR D 205 13.81 16.07 -37.31
CA THR D 205 14.85 16.88 -37.93
C THR D 205 16.21 16.74 -37.24
N SER D 206 16.36 15.89 -36.24
CA SER D 206 17.72 15.71 -35.75
C SER D 206 17.75 14.57 -34.75
N THR D 207 18.85 13.81 -34.77
CA THR D 207 19.06 12.73 -33.81
C THR D 207 19.10 13.27 -32.39
N SER D 208 19.65 14.46 -32.22
CA SER D 208 19.86 15.03 -30.89
C SER D 208 18.61 15.81 -30.47
N PRO D 209 18.14 15.61 -29.24
CA PRO D 209 17.01 16.41 -28.75
C PRO D 209 17.40 17.88 -28.63
N ILE D 210 16.45 18.76 -28.95
CA ILE D 210 16.62 20.18 -28.68
C ILE D 210 16.36 20.40 -27.20
N VAL D 211 17.36 20.91 -26.49
CA VAL D 211 17.33 20.98 -25.03
C VAL D 211 17.37 22.45 -24.62
N LYS D 212 16.36 22.84 -23.84
CA LYS D 212 16.29 24.16 -23.22
C LYS D 212 16.06 23.99 -21.74
N SER D 213 16.70 24.84 -20.95
CA SER D 213 16.60 24.67 -19.50
C SER D 213 17.05 25.95 -18.82
N PHE D 214 16.76 26.02 -17.53
CA PHE D 214 17.22 27.12 -16.71
C PHE D 214 17.42 26.60 -15.30
N ASN D 215 18.13 27.38 -14.51
CA ASN D 215 18.39 27.05 -13.11
C ASN D 215 17.86 28.18 -12.24
N ARG D 216 17.14 27.82 -11.19
CA ARG D 216 16.62 28.83 -10.26
C ARG D 216 17.74 29.59 -9.57
N ASN D 217 18.92 28.98 -9.44
CA ASN D 217 20.06 29.69 -8.87
C ASN D 217 20.31 31.00 -9.60
N GLU D 218 20.09 31.02 -10.92
CA GLU D 218 20.28 32.20 -11.75
C GLU D 218 18.98 32.99 -11.85
N CYS D 219 19.12 34.21 -12.39
CA CYS D 219 17.96 35.05 -12.65
C CYS D 219 18.25 35.98 -13.82
N GLU E 1 -2.33 -65.80 25.34
CA GLU E 1 -2.76 -64.46 24.98
C GLU E 1 -1.92 -63.89 23.83
N VAL E 2 -2.58 -63.53 22.73
CA VAL E 2 -1.88 -62.90 21.62
C VAL E 2 -1.32 -61.56 22.06
N GLN E 3 -0.02 -61.36 21.83
CA GLN E 3 0.63 -60.07 22.03
C GLN E 3 1.32 -59.70 20.73
N LEU E 4 1.19 -58.45 20.33
CA LEU E 4 1.89 -57.90 19.18
C LEU E 4 2.60 -56.65 19.71
N GLN E 5 3.84 -56.79 20.15
CA GLN E 5 4.58 -55.67 20.72
C GLN E 5 5.35 -54.98 19.60
N GLN E 6 4.97 -53.74 19.32
CA GLN E 6 5.59 -52.99 18.24
C GLN E 6 6.74 -52.14 18.79
N SER E 7 7.68 -51.80 17.91
CA SER E 7 8.84 -51.00 18.33
C SER E 7 8.41 -49.55 18.60
N GLY E 8 9.35 -48.77 19.15
CA GLY E 8 9.03 -47.51 19.77
C GLY E 8 8.93 -46.35 18.80
N PRO E 9 8.54 -45.19 19.33
CA PRO E 9 8.38 -44.01 18.47
C PRO E 9 9.69 -43.67 17.78
N GLU E 10 9.58 -43.08 16.60
CA GLU E 10 10.77 -42.80 15.82
C GLU E 10 10.63 -41.45 15.11
N LEU E 11 11.71 -40.69 15.13
CA LEU E 11 11.85 -39.45 14.36
C LEU E 11 12.96 -39.64 13.35
N VAL E 12 12.70 -39.26 12.10
CA VAL E 12 13.59 -39.57 11.00
C VAL E 12 13.58 -38.40 10.04
N LYS E 13 14.75 -38.08 9.48
CA LYS E 13 14.86 -36.98 8.55
C LYS E 13 14.27 -37.35 7.19
N PRO E 14 13.66 -36.40 6.51
CA PRO E 14 13.21 -36.65 5.14
C PRO E 14 14.32 -37.31 4.33
N GLY E 15 13.91 -38.08 3.31
CA GLY E 15 14.83 -38.79 2.45
C GLY E 15 15.43 -40.04 3.03
N ALA E 16 15.43 -40.18 4.35
CA ALA E 16 16.03 -41.33 5.03
C ALA E 16 15.05 -42.51 5.07
N SER E 17 15.41 -43.55 5.81
CA SER E 17 14.63 -44.77 5.92
C SER E 17 14.49 -45.16 7.38
N VAL E 18 13.57 -46.09 7.62
CA VAL E 18 13.27 -46.56 8.96
C VAL E 18 12.74 -47.98 8.87
N LYS E 19 13.07 -48.78 9.87
CA LYS E 19 12.59 -50.15 9.98
C LYS E 19 11.87 -50.29 11.30
N MET E 20 10.59 -50.66 11.23
CA MET E 20 9.76 -50.95 12.39
C MET E 20 9.70 -52.46 12.61
N SER E 21 9.51 -52.84 13.87
CA SER E 21 9.41 -54.24 14.21
C SER E 21 8.12 -54.51 14.97
N CYS E 22 7.66 -55.75 14.85
CA CYS E 22 6.45 -56.22 15.51
C CYS E 22 6.75 -57.63 16.02
N LYS E 23 7.02 -57.73 17.31
CA LYS E 23 7.35 -59.01 17.94
C LYS E 23 6.06 -59.66 18.42
N ALA E 24 5.73 -60.83 17.87
CA ALA E 24 4.51 -61.55 18.20
C ALA E 24 4.77 -62.62 19.27
N SER E 25 3.75 -62.89 20.08
CA SER E 25 3.82 -63.95 21.06
C SER E 25 2.41 -64.47 21.30
N GLY E 26 2.33 -65.66 21.88
CA GLY E 26 1.08 -66.26 22.23
C GLY E 26 0.44 -67.10 21.15
N TYR E 27 1.12 -67.28 20.01
CA TYR E 27 0.61 -68.16 18.97
C TYR E 27 1.78 -68.54 18.09
N THR E 28 1.53 -69.45 17.15
CA THR E 28 2.58 -70.01 16.31
C THR E 28 2.82 -69.10 15.12
N PHE E 29 3.78 -68.20 15.28
CA PHE E 29 4.11 -67.17 14.30
C PHE E 29 4.05 -67.64 12.84
N THR E 30 4.85 -68.65 12.49
CA THR E 30 5.03 -69.08 11.11
C THR E 30 3.76 -69.66 10.47
N SER E 31 2.64 -69.75 11.18
CA SER E 31 1.44 -70.27 10.53
C SER E 31 0.47 -69.18 10.07
N TYR E 32 0.78 -67.90 10.27
CA TYR E 32 -0.24 -66.88 10.00
C TYR E 32 0.29 -65.80 9.08
N VAL E 33 -0.60 -64.88 8.74
CA VAL E 33 -0.27 -63.72 7.93
C VAL E 33 -0.19 -62.52 8.86
N MET E 34 0.77 -61.65 8.62
CA MET E 34 0.85 -60.38 9.32
C MET E 34 0.49 -59.26 8.35
N HIS E 35 -0.43 -58.39 8.77
CA HIS E 35 -0.79 -57.20 8.00
C HIS E 35 -0.17 -55.94 8.63
N TRP E 36 0.03 -54.93 7.81
CA TRP E 36 0.44 -53.62 8.29
C TRP E 36 -0.57 -52.58 7.79
N VAL E 37 -0.88 -51.62 8.66
CA VAL E 37 -1.88 -50.58 8.42
C VAL E 37 -1.28 -49.23 8.82
N LYS E 38 -1.62 -48.19 8.06
CA LYS E 38 -1.13 -46.83 8.27
C LYS E 38 -2.27 -45.90 8.68
N GLN E 39 -2.04 -45.02 9.66
CA GLN E 39 -3.06 -44.06 10.06
C GLN E 39 -2.44 -42.69 10.30
N LYS E 40 -2.68 -41.76 9.39
CA LYS E 40 -2.18 -40.41 9.62
C LYS E 40 -2.95 -39.78 10.79
N PRO E 41 -2.30 -38.98 11.62
CA PRO E 41 -2.98 -38.44 12.80
C PRO E 41 -4.24 -37.67 12.40
N GLY E 42 -5.33 -37.94 13.13
CA GLY E 42 -6.64 -37.39 12.84
C GLY E 42 -7.32 -37.98 11.61
N GLN E 43 -6.77 -39.04 11.02
CA GLN E 43 -7.38 -39.54 9.79
C GLN E 43 -7.67 -41.03 9.91
N GLY E 44 -7.99 -41.66 8.78
CA GLY E 44 -8.42 -43.03 8.76
C GLY E 44 -7.30 -44.02 8.52
N LEU E 45 -7.72 -45.26 8.25
CA LEU E 45 -6.83 -46.40 8.11
C LEU E 45 -6.59 -46.71 6.64
N GLU E 46 -5.34 -46.98 6.30
CA GLU E 46 -4.96 -47.42 4.97
C GLU E 46 -4.19 -48.74 5.09
N TRP E 47 -4.61 -49.74 4.32
CA TRP E 47 -3.96 -51.04 4.33
C TRP E 47 -2.68 -50.97 3.50
N ILE E 48 -1.56 -51.37 4.09
CA ILE E 48 -0.28 -51.32 3.40
C ILE E 48 0.03 -52.60 2.65
N GLY E 49 -0.15 -53.73 3.30
CA GLY E 49 0.18 -55.01 2.71
C GLY E 49 0.29 -56.08 3.78
N PHE E 50 0.57 -57.31 3.33
CA PHE E 50 0.75 -58.40 4.28
C PHE E 50 1.88 -59.32 3.85
N ILE E 51 2.39 -60.04 4.83
CA ILE E 51 3.43 -61.03 4.62
C ILE E 51 2.91 -62.35 5.14
N ASN E 52 3.03 -63.39 4.34
CA ASN E 52 2.71 -64.74 4.77
C ASN E 52 3.88 -65.26 5.60
N LEU E 53 3.65 -65.51 6.89
CA LEU E 53 4.82 -65.81 7.70
C LEU E 53 5.34 -67.23 7.49
N TYR E 54 4.65 -68.05 6.70
CA TYR E 54 5.05 -69.44 6.51
C TYR E 54 6.05 -69.59 5.37
N ASN E 55 5.85 -68.87 4.27
CA ASN E 55 6.71 -68.93 3.10
C ASN E 55 7.31 -67.58 2.76
N ASP E 56 7.11 -66.58 3.61
CA ASP E 56 7.63 -65.22 3.40
C ASP E 56 7.13 -64.60 2.11
N GLY E 57 5.98 -65.05 1.59
CA GLY E 57 5.36 -64.35 0.48
C GLY E 57 4.78 -63.01 0.94
N THR E 58 4.67 -62.08 0.00
CA THR E 58 4.16 -60.75 0.32
C THR E 58 3.16 -60.29 -0.74
N LYS E 59 2.15 -59.56 -0.29
CA LYS E 59 1.24 -58.85 -1.20
C LYS E 59 1.15 -57.41 -0.71
N TYR E 60 1.38 -56.48 -1.62
CA TYR E 60 1.45 -55.06 -1.30
C TYR E 60 0.30 -54.30 -1.95
N ASN E 61 -0.26 -53.35 -1.20
CA ASN E 61 -1.06 -52.32 -1.83
C ASN E 61 -0.19 -51.52 -2.80
N GLU E 62 -0.65 -51.39 -4.05
CA GLU E 62 0.14 -50.71 -5.09
C GLU E 62 0.75 -49.41 -4.59
N LYS E 63 -0.09 -48.56 -3.99
CA LYS E 63 0.34 -47.27 -3.49
C LYS E 63 1.60 -47.34 -2.62
N PHE E 64 1.91 -48.50 -2.05
CA PHE E 64 3.04 -48.60 -1.15
C PHE E 64 4.20 -49.42 -1.73
N LYS E 65 4.09 -49.92 -2.96
CA LYS E 65 5.21 -50.62 -3.56
C LYS E 65 6.36 -49.64 -3.84
N GLY E 66 7.58 -50.05 -3.49
CA GLY E 66 8.74 -49.19 -3.61
C GLY E 66 8.98 -48.31 -2.41
N LYS E 67 7.97 -48.17 -1.54
CA LYS E 67 8.08 -47.44 -0.30
C LYS E 67 8.17 -48.36 0.91
N ALA E 68 7.40 -49.45 0.91
CA ALA E 68 7.33 -50.38 2.03
C ALA E 68 7.88 -51.73 1.62
N THR E 69 8.52 -52.39 2.58
CA THR E 69 9.08 -53.72 2.40
C THR E 69 8.83 -54.49 3.68
N LEU E 70 8.12 -55.60 3.59
CA LEU E 70 7.81 -56.44 4.74
C LEU E 70 8.76 -57.64 4.74
N THR E 71 9.38 -57.91 5.89
CA THR E 71 10.21 -59.09 6.07
C THR E 71 9.83 -59.76 7.37
N SER E 72 10.43 -60.93 7.65
CA SER E 72 10.14 -61.64 8.89
C SER E 72 11.39 -62.35 9.37
N ASP E 73 11.33 -62.78 10.63
CA ASP E 73 12.39 -63.53 11.28
C ASP E 73 11.68 -64.59 12.13
N LYS E 74 11.57 -65.80 11.57
CA LYS E 74 10.86 -66.86 12.28
C LYS E 74 11.58 -67.23 13.57
N SER E 75 12.91 -67.06 13.58
CA SER E 75 13.70 -67.39 14.77
C SER E 75 13.19 -66.64 15.99
N SER E 76 12.78 -65.39 15.81
CA SER E 76 12.36 -64.53 16.91
C SER E 76 10.88 -64.17 16.90
N SER E 77 10.10 -64.68 15.93
CA SER E 77 8.69 -64.30 15.77
C SER E 77 8.54 -62.79 15.68
N THR E 78 9.39 -62.16 14.89
CA THR E 78 9.34 -60.72 14.67
C THR E 78 9.09 -60.44 13.20
N ALA E 79 8.08 -59.61 12.92
CA ALA E 79 7.81 -59.12 11.58
C ALA E 79 8.33 -57.70 11.46
N TYR E 80 8.83 -57.35 10.27
CA TYR E 80 9.48 -56.06 10.04
C TYR E 80 8.82 -55.34 8.88
N MET E 81 8.86 -54.01 8.93
CA MET E 81 8.46 -53.17 7.81
C MET E 81 9.48 -52.05 7.70
N GLU E 82 10.08 -51.89 6.53
CA GLU E 82 11.00 -50.79 6.28
C GLU E 82 10.36 -49.80 5.31
N LEU E 83 10.38 -48.53 5.67
CA LEU E 83 9.86 -47.48 4.80
C LEU E 83 11.04 -46.73 4.21
N SER E 84 10.97 -46.43 2.91
CA SER E 84 12.05 -45.81 2.15
C SER E 84 11.68 -44.41 1.69
N SER E 85 12.72 -43.62 1.40
CA SER E 85 12.58 -42.25 0.87
C SER E 85 11.48 -41.47 1.59
N LEU E 86 11.62 -41.44 2.91
CA LEU E 86 10.60 -40.87 3.80
C LEU E 86 10.34 -39.39 3.54
N THR E 87 9.06 -39.02 3.46
CA THR E 87 8.60 -37.63 3.40
C THR E 87 7.58 -37.40 4.51
N SER E 88 7.15 -36.14 4.67
CA SER E 88 6.13 -35.87 5.69
C SER E 88 4.84 -36.61 5.37
N LYS E 89 4.64 -37.02 4.11
CA LYS E 89 3.50 -37.85 3.77
C LYS E 89 3.49 -39.18 4.55
N ASP E 90 4.65 -39.64 5.00
CA ASP E 90 4.75 -40.90 5.72
C ASP E 90 4.62 -40.75 7.22
N SER E 91 4.58 -39.52 7.75
CA SER E 91 4.32 -39.33 9.17
C SER E 91 2.99 -39.98 9.52
N ALA E 92 3.00 -40.90 10.48
CA ALA E 92 1.80 -41.66 10.77
C ALA E 92 2.04 -42.61 11.92
N VAL E 93 0.93 -43.19 12.38
CA VAL E 93 0.98 -44.39 13.20
C VAL E 93 0.88 -45.58 12.26
N TYR E 94 1.74 -46.57 12.47
CA TYR E 94 1.75 -47.80 11.69
C TYR E 94 1.43 -48.94 12.64
N TYR E 95 0.52 -49.81 12.21
CA TYR E 95 0.06 -50.94 13.00
C TYR E 95 0.43 -52.24 12.32
N CYS E 96 0.89 -53.21 13.10
CA CYS E 96 0.89 -54.59 12.63
C CYS E 96 -0.37 -55.25 13.18
N ALA E 97 -0.86 -56.25 12.46
CA ALA E 97 -2.10 -56.93 12.83
C ALA E 97 -2.06 -58.35 12.32
N ARG E 98 -2.48 -59.27 13.17
CA ARG E 98 -2.46 -60.68 12.85
C ARG E 98 -3.71 -61.08 12.07
N ASP E 99 -3.51 -61.91 11.05
CA ASP E 99 -4.60 -62.53 10.31
C ASP E 99 -4.70 -63.98 10.77
N TYR E 100 -5.76 -64.30 11.51
CA TYR E 100 -5.87 -65.62 12.11
C TYR E 100 -6.29 -66.67 11.09
N TYR E 101 -7.31 -66.36 10.27
CA TYR E 101 -7.91 -67.39 9.43
C TYR E 101 -7.30 -67.53 8.04
N GLY E 102 -6.61 -66.52 7.57
CA GLY E 102 -6.24 -66.51 6.17
C GLY E 102 -5.42 -65.30 5.87
N SER E 103 -5.83 -64.56 4.85
CA SER E 103 -5.06 -63.38 4.47
C SER E 103 -5.99 -62.24 4.07
N ARG E 104 -7.15 -62.12 4.73
CA ARG E 104 -8.16 -61.18 4.28
C ARG E 104 -8.73 -60.28 5.36
N TRP E 105 -8.32 -60.43 6.62
CA TRP E 105 -8.71 -59.48 7.67
C TRP E 105 -7.99 -59.85 8.95
N PHE E 106 -7.80 -58.85 9.81
CA PHE E 106 -6.99 -58.99 11.01
C PHE E 106 -7.89 -59.00 12.25
N ASP E 107 -7.50 -59.79 13.24
CA ASP E 107 -8.22 -59.80 14.51
C ASP E 107 -7.52 -58.91 15.53
N TYR E 108 -6.27 -59.17 15.83
CA TYR E 108 -5.53 -58.43 16.85
C TYR E 108 -4.52 -57.49 16.20
N TRP E 109 -4.47 -56.29 16.72
CA TRP E 109 -3.58 -55.24 16.27
C TRP E 109 -2.50 -55.02 17.30
N GLY E 110 -1.35 -54.56 16.85
CA GLY E 110 -0.36 -54.06 17.76
C GLY E 110 -0.74 -52.69 18.28
N GLN E 111 0.07 -52.19 19.20
CA GLN E 111 -0.21 -50.87 19.78
C GLN E 111 0.19 -49.73 18.85
N GLY E 112 0.81 -50.02 17.71
CA GLY E 112 1.16 -48.95 16.78
C GLY E 112 2.53 -48.36 17.05
N THR E 113 3.16 -47.87 15.99
CA THR E 113 4.44 -47.18 16.09
C THR E 113 4.25 -45.81 15.44
N THR E 114 4.57 -44.76 16.19
CA THR E 114 4.45 -43.40 15.68
C THR E 114 5.73 -43.03 14.95
N LEU E 115 5.59 -42.60 13.70
CA LEU E 115 6.73 -42.15 12.90
C LEU E 115 6.51 -40.68 12.55
N THR E 116 7.44 -39.83 13.00
CA THR E 116 7.47 -38.45 12.56
C THR E 116 8.59 -38.28 11.56
N VAL E 117 8.26 -37.72 10.39
CA VAL E 117 9.27 -37.43 9.39
C VAL E 117 9.44 -35.91 9.31
N SER E 118 10.45 -35.40 10.00
CA SER E 118 10.72 -33.96 10.03
C SER E 118 12.23 -33.76 10.17
N SER E 119 12.72 -32.64 9.63
CA SER E 119 14.11 -32.30 9.82
C SER E 119 14.33 -31.55 11.13
N ALA E 120 13.27 -30.98 11.70
CA ALA E 120 13.34 -30.31 13.00
C ALA E 120 14.01 -31.21 14.04
N LYS E 121 14.76 -30.59 14.93
CA LYS E 121 15.49 -31.35 15.94
C LYS E 121 14.58 -31.70 17.11
N THR E 122 15.06 -32.62 17.94
CA THR E 122 14.31 -33.02 19.10
C THR E 122 14.41 -31.96 20.19
N THR E 123 13.30 -31.78 20.91
CA THR E 123 13.21 -30.78 21.96
C THR E 123 12.55 -31.45 23.16
N ALA E 124 13.31 -31.69 24.21
CA ALA E 124 12.70 -32.21 25.42
C ALA E 124 11.66 -31.20 25.93
N PRO E 125 10.59 -31.68 26.55
CA PRO E 125 9.59 -30.75 27.08
C PRO E 125 10.04 -30.15 28.41
N SER E 126 9.51 -28.96 28.69
CA SER E 126 9.60 -28.39 30.03
C SER E 126 8.32 -28.78 30.75
N VAL E 127 8.45 -29.22 31.99
CA VAL E 127 7.33 -29.77 32.72
C VAL E 127 7.09 -28.90 33.96
N TYR E 128 5.93 -28.27 34.00
CA TYR E 128 5.65 -27.33 35.05
C TYR E 128 4.47 -27.80 35.88
N PRO E 129 4.56 -27.73 37.20
CA PRO E 129 3.42 -28.10 38.05
C PRO E 129 2.39 -26.99 38.11
N LEU E 130 1.14 -27.39 38.17
CA LEU E 130 0.04 -26.44 38.30
C LEU E 130 -0.62 -26.73 39.65
N ALA E 131 -0.37 -25.86 40.59
CA ALA E 131 -0.98 -25.90 41.91
C ALA E 131 -1.98 -24.76 42.04
N PRO E 132 -3.03 -24.91 42.83
CA PRO E 132 -3.99 -23.81 43.00
C PRO E 132 -3.30 -22.56 43.48
N VAL E 133 -4.05 -21.46 43.39
CA VAL E 133 -3.51 -20.12 43.59
C VAL E 133 -2.77 -19.99 44.92
N CYS E 134 -3.48 -20.20 46.02
CA CYS E 134 -2.80 -20.04 47.31
C CYS E 134 -2.87 -21.28 48.18
N THR E 137 -7.33 -23.92 49.56
CA THR E 137 -8.32 -24.88 49.08
C THR E 137 -9.55 -24.85 50.01
N THR E 138 -10.61 -24.17 49.58
CA THR E 138 -11.80 -23.98 50.40
C THR E 138 -13.01 -24.78 49.90
N GLY E 139 -12.82 -25.71 48.96
CA GLY E 139 -13.90 -26.48 48.41
C GLY E 139 -13.91 -27.94 48.86
N SER E 140 -14.92 -28.66 48.37
CA SER E 140 -14.99 -30.09 48.66
C SER E 140 -13.92 -30.87 47.91
N SER E 141 -13.60 -30.43 46.69
CA SER E 141 -12.65 -31.06 45.79
C SER E 141 -11.50 -30.11 45.52
N VAL E 142 -10.41 -30.64 44.99
CA VAL E 142 -9.25 -29.85 44.61
C VAL E 142 -8.67 -30.40 43.32
N THR E 143 -8.42 -29.52 42.36
CA THR E 143 -7.86 -29.92 41.09
C THR E 143 -6.44 -29.39 40.95
N LEU E 144 -5.57 -30.22 40.40
CA LEU E 144 -4.17 -29.92 40.17
C LEU E 144 -3.88 -30.20 38.72
N GLY E 145 -2.65 -29.92 38.30
CA GLY E 145 -2.38 -30.11 36.90
C GLY E 145 -0.90 -30.16 36.61
N CYS E 146 -0.63 -30.58 35.38
CA CYS E 146 0.71 -30.71 34.86
C CYS E 146 0.72 -30.14 33.46
N LEU E 147 1.68 -29.28 33.19
CA LEU E 147 1.81 -28.59 31.91
C LEU E 147 3.14 -28.99 31.26
N VAL E 148 3.04 -29.67 30.13
CA VAL E 148 4.17 -30.24 29.41
C VAL E 148 4.35 -29.41 28.15
N LYS E 149 5.30 -28.48 28.19
CA LYS E 149 5.36 -27.42 27.20
C LYS E 149 6.57 -27.55 26.29
N GLY E 150 6.36 -27.24 25.01
CA GLY E 150 7.44 -27.10 24.06
C GLY E 150 8.33 -28.31 23.88
N TYR E 151 7.75 -29.40 23.39
CA TYR E 151 8.51 -30.59 23.07
C TYR E 151 8.28 -30.95 21.61
N PHE E 152 9.12 -31.87 21.13
CA PHE E 152 9.07 -32.41 19.78
C PHE E 152 10.03 -33.60 19.70
N PRO E 153 9.64 -34.72 19.05
CA PRO E 153 8.34 -34.82 18.40
C PRO E 153 7.33 -35.46 19.33
N GLU E 154 6.12 -35.74 18.85
CA GLU E 154 5.19 -36.56 19.60
C GLU E 154 5.74 -37.98 19.66
N PRO E 155 5.40 -38.76 20.69
CA PRO E 155 4.51 -38.45 21.81
C PRO E 155 5.23 -38.33 23.14
N VAL E 156 4.48 -38.04 24.20
CA VAL E 156 4.94 -38.14 25.57
C VAL E 156 3.92 -38.99 26.31
N THR E 157 4.35 -39.60 27.41
CA THR E 157 3.43 -40.31 28.28
C THR E 157 3.40 -39.60 29.62
N LEU E 158 2.21 -39.36 30.11
CA LEU E 158 2.00 -38.70 31.39
C LEU E 158 1.18 -39.62 32.28
N THR E 159 1.54 -39.67 33.56
CA THR E 159 0.76 -40.40 34.53
C THR E 159 0.84 -39.61 35.83
N TRP E 160 0.04 -40.03 36.81
CA TRP E 160 -0.01 -39.37 38.10
C TRP E 160 0.26 -40.39 39.18
N ASN E 161 1.35 -40.17 39.95
CA ASN E 161 1.76 -41.12 40.97
C ASN E 161 2.04 -42.48 40.35
N SER E 162 2.83 -42.47 39.26
CA SER E 162 3.27 -43.65 38.51
C SER E 162 2.11 -44.45 37.92
N GLY E 163 0.88 -43.93 38.00
CA GLY E 163 -0.31 -44.67 37.61
C GLY E 163 -1.26 -44.92 38.77
N SER E 164 -0.76 -44.80 40.00
CA SER E 164 -1.60 -44.88 41.18
C SER E 164 -2.89 -44.06 40.99
N LEU E 165 -2.74 -42.78 40.68
CA LEU E 165 -3.86 -41.92 40.35
C LEU E 165 -4.25 -42.17 38.90
N SER E 166 -5.43 -42.72 38.69
CA SER E 166 -5.96 -42.96 37.35
C SER E 166 -7.30 -42.29 37.13
N SER E 167 -8.18 -42.37 38.11
CA SER E 167 -9.47 -41.69 38.00
C SER E 167 -9.31 -40.23 38.39
N GLY E 168 -10.26 -39.42 37.94
CA GLY E 168 -10.13 -37.99 38.16
C GLY E 168 -9.09 -37.32 37.29
N VAL E 169 -8.52 -38.05 36.32
CA VAL E 169 -7.48 -37.51 35.46
C VAL E 169 -8.08 -37.11 34.12
N HIS E 170 -7.65 -35.96 33.61
CA HIS E 170 -7.92 -35.58 32.23
C HIS E 170 -6.59 -35.19 31.61
N THR E 171 -6.26 -35.82 30.50
CA THR E 171 -5.04 -35.50 29.78
C THR E 171 -5.44 -35.10 28.38
N PHE E 172 -5.10 -33.87 28.02
CA PHE E 172 -5.59 -33.20 26.83
C PHE E 172 -4.64 -33.46 25.67
N PRO E 173 -5.17 -33.86 24.52
CA PRO E 173 -4.31 -34.13 23.35
C PRO E 173 -3.40 -32.95 23.08
N ALA E 174 -2.17 -33.27 22.67
CA ALA E 174 -1.19 -32.22 22.45
C ALA E 174 -1.58 -31.35 21.27
N VAL E 175 -1.21 -30.08 21.38
CA VAL E 175 -1.37 -29.08 20.33
C VAL E 175 0.02 -28.70 19.85
N LEU E 176 0.14 -28.45 18.55
CA LEU E 176 1.37 -27.95 17.95
C LEU E 176 1.22 -26.45 17.73
N GLN E 177 2.01 -25.65 18.46
CA GLN E 177 1.83 -24.20 18.43
C GLN E 177 2.50 -23.58 17.21
N SER E 178 3.83 -23.62 17.15
CA SER E 178 4.54 -23.18 15.95
C SER E 178 5.35 -24.32 15.34
N ASP E 179 6.28 -24.88 16.10
CA ASP E 179 6.98 -26.09 15.70
C ASP E 179 7.14 -27.00 16.91
N LEU E 180 6.48 -26.71 18.02
CA LEU E 180 6.56 -27.50 19.22
C LEU E 180 5.18 -27.93 19.64
N TYR E 181 5.12 -29.05 20.34
CA TYR E 181 3.88 -29.54 20.91
C TYR E 181 3.75 -29.05 22.33
N THR E 182 2.51 -28.85 22.75
CA THR E 182 2.20 -28.61 24.16
C THR E 182 1.05 -29.50 24.57
N LEU E 183 1.08 -29.90 25.83
CA LEU E 183 0.11 -30.84 26.34
C LEU E 183 -0.11 -30.50 27.80
N SER E 184 -1.27 -30.90 28.30
CA SER E 184 -1.54 -30.68 29.70
C SER E 184 -2.35 -31.84 30.26
N SER E 185 -2.39 -31.91 31.57
CA SER E 185 -3.17 -32.91 32.26
C SER E 185 -3.60 -32.31 33.59
N SER E 186 -4.82 -32.61 33.98
CA SER E 186 -5.35 -32.19 35.25
C SER E 186 -5.80 -33.41 36.04
N VAL E 187 -5.79 -33.27 37.36
CA VAL E 187 -6.20 -34.34 38.24
C VAL E 187 -7.02 -33.72 39.35
N THR E 188 -8.12 -34.36 39.69
CA THR E 188 -9.03 -33.91 40.73
C THR E 188 -9.07 -34.95 41.84
N VAL E 189 -8.91 -34.49 43.08
CA VAL E 189 -9.02 -35.32 44.27
C VAL E 189 -9.76 -34.50 45.33
N THR E 190 -10.08 -35.16 46.45
CA THR E 190 -10.78 -34.49 47.55
C THR E 190 -9.81 -33.65 48.38
N SER E 191 -10.34 -32.57 48.96
CA SER E 191 -9.53 -31.69 49.78
C SER E 191 -8.75 -32.47 50.85
N SER E 192 -9.34 -33.53 51.39
CA SER E 192 -8.65 -34.36 52.38
C SER E 192 -7.40 -35.03 51.82
N THR E 193 -7.24 -35.06 50.50
CA THR E 193 -6.20 -35.86 49.87
C THR E 193 -4.90 -35.09 49.64
N TRP E 194 -4.98 -33.97 48.92
CA TRP E 194 -3.78 -33.39 48.33
C TRP E 194 -2.77 -32.84 49.33
N PRO E 195 -3.11 -31.78 50.06
CA PRO E 195 -2.12 -31.23 51.00
C PRO E 195 -1.46 -32.32 51.84
N SER E 196 -2.24 -33.30 52.29
CA SER E 196 -1.71 -34.38 53.13
C SER E 196 -0.86 -35.35 52.31
N GLN E 197 -1.48 -36.07 51.37
CA GLN E 197 -0.75 -37.03 50.55
C GLN E 197 -0.19 -36.34 49.32
N SER E 198 1.06 -36.67 48.98
CA SER E 198 1.69 -36.05 47.82
C SER E 198 1.01 -36.51 46.52
N ILE E 199 1.06 -35.64 45.52
CA ILE E 199 0.62 -35.96 44.17
C ILE E 199 1.73 -35.55 43.22
N THR E 200 2.12 -36.46 42.34
CA THR E 200 3.24 -36.25 41.44
C THR E 200 2.83 -36.54 40.01
N CYS E 201 3.43 -35.78 39.10
CA CYS E 201 3.19 -35.89 37.67
C CYS E 201 4.38 -36.58 37.04
N ASN E 202 4.15 -37.72 36.39
CA ASN E 202 5.22 -38.47 35.73
C ASN E 202 5.10 -38.26 34.22
N VAL E 203 6.17 -37.76 33.61
CA VAL E 203 6.17 -37.44 32.19
C VAL E 203 7.37 -38.08 31.55
N ALA E 204 7.16 -38.67 30.37
CA ALA E 204 8.24 -39.29 29.63
C ALA E 204 8.18 -38.83 28.19
N HIS E 205 9.31 -38.42 27.66
CA HIS E 205 9.42 -38.08 26.24
C HIS E 205 10.38 -39.06 25.61
N PRO E 206 9.90 -40.14 24.99
CA PRO E 206 10.82 -41.19 24.51
C PRO E 206 11.98 -40.65 23.69
N ALA E 207 11.71 -39.72 22.78
CA ALA E 207 12.80 -39.26 21.88
C ALA E 207 13.95 -38.62 22.68
N SER E 208 13.81 -38.50 24.00
CA SER E 208 14.92 -37.98 24.81
C SER E 208 14.88 -38.41 26.28
N SER E 209 13.92 -37.91 27.09
CA SER E 209 13.98 -38.06 28.56
C SER E 209 12.72 -38.48 29.30
N THR E 210 12.74 -38.32 30.63
CA THR E 210 11.61 -38.62 31.50
C THR E 210 11.81 -37.91 32.84
N LYS E 211 10.76 -37.25 33.34
CA LYS E 211 10.84 -36.41 34.54
C LYS E 211 9.66 -36.66 35.47
N VAL E 212 9.86 -36.36 36.75
CA VAL E 212 8.83 -36.44 37.78
C VAL E 212 8.69 -35.07 38.43
N ASP E 213 7.45 -34.62 38.65
CA ASP E 213 7.20 -33.28 39.16
C ASP E 213 6.12 -33.32 40.23
N LYS E 214 6.47 -32.98 41.46
CA LYS E 214 5.53 -32.99 42.57
C LYS E 214 4.75 -31.67 42.64
N LYS E 215 3.60 -31.71 43.30
CA LYS E 215 2.76 -30.53 43.49
C LYS E 215 2.81 -30.08 44.94
N ILE E 216 3.47 -28.94 45.18
CA ILE E 216 3.51 -28.30 46.49
C ILE E 216 2.70 -27.01 46.41
N SER E 217 2.05 -26.65 47.51
CA SER E 217 1.18 -25.49 47.54
C SER E 217 1.98 -24.18 47.57
N ALA E 218 1.26 -23.07 47.49
CA ALA E 218 1.85 -21.73 47.51
C ALA E 218 2.85 -21.57 48.67
N ASP F 1 -9.71 -49.62 -7.45
CA ASP F 1 -9.79 -50.02 -6.05
C ASP F 1 -11.20 -49.88 -5.53
N VAL F 2 -11.56 -50.69 -4.54
CA VAL F 2 -12.91 -50.64 -3.98
C VAL F 2 -13.00 -49.44 -3.03
N LEU F 3 -13.86 -48.49 -3.36
CA LEU F 3 -14.14 -47.36 -2.48
C LEU F 3 -15.21 -47.77 -1.48
N MET F 4 -14.98 -47.44 -0.21
CA MET F 4 -15.89 -47.76 0.88
C MET F 4 -16.42 -46.44 1.44
N THR F 5 -17.63 -46.09 1.05
CA THR F 5 -18.24 -44.87 1.52
C THR F 5 -19.11 -45.18 2.73
N GLN F 6 -18.86 -44.47 3.80
CA GLN F 6 -19.48 -44.76 5.08
C GLN F 6 -20.30 -43.56 5.50
N THR F 7 -21.53 -43.80 5.94
CA THR F 7 -22.38 -42.74 6.42
C THR F 7 -23.16 -43.22 7.64
N PRO F 8 -23.52 -42.32 8.55
CA PRO F 8 -23.10 -40.90 8.45
C PRO F 8 -21.65 -40.67 8.90
N LEU F 9 -21.14 -39.45 8.70
CA LEU F 9 -19.82 -39.10 9.19
C LEU F 9 -19.77 -39.15 10.70
N SER F 10 -20.76 -38.56 11.36
CA SER F 10 -20.87 -38.55 12.81
C SER F 10 -22.31 -38.86 13.17
N LEU F 11 -22.49 -39.77 14.12
CA LEU F 11 -23.82 -40.22 14.52
C LEU F 11 -24.07 -39.89 15.97
N PRO F 12 -24.77 -38.79 16.27
CA PRO F 12 -25.18 -38.54 17.66
C PRO F 12 -26.31 -39.50 18.04
N VAL F 13 -26.18 -40.11 19.21
CA VAL F 13 -27.16 -41.09 19.66
C VAL F 13 -27.27 -40.98 21.18
N SER F 14 -28.48 -41.11 21.68
CA SER F 14 -28.71 -41.12 23.10
C SER F 14 -28.43 -42.51 23.67
N LEU F 15 -28.07 -42.56 24.95
CA LEU F 15 -27.84 -43.84 25.62
C LEU F 15 -29.10 -44.68 25.60
N GLY F 16 -28.93 -45.98 25.35
CA GLY F 16 -30.03 -46.91 25.28
C GLY F 16 -30.82 -46.87 23.99
N ASP F 17 -30.46 -46.01 23.03
CA ASP F 17 -31.12 -46.00 21.75
C ASP F 17 -30.31 -46.81 20.74
N GLN F 18 -30.90 -47.04 19.59
CA GLN F 18 -30.27 -47.82 18.55
C GLN F 18 -29.50 -46.91 17.61
N ALA F 19 -28.34 -47.38 17.20
CA ALA F 19 -27.55 -46.68 16.20
C ALA F 19 -27.29 -47.63 15.05
N SER F 20 -27.37 -47.12 13.82
CA SER F 20 -27.03 -47.94 12.66
C SER F 20 -26.13 -47.15 11.74
N ILE F 21 -25.10 -47.84 11.22
CA ILE F 21 -24.08 -47.25 10.37
C ILE F 21 -24.09 -47.99 9.04
N SER F 22 -24.02 -47.25 7.94
CA SER F 22 -24.09 -47.85 6.63
C SER F 22 -22.73 -47.77 5.92
N CYS F 23 -22.48 -48.76 5.09
CA CYS F 23 -21.26 -48.77 4.30
C CYS F 23 -21.66 -49.24 2.92
N ARG F 24 -21.25 -48.52 1.89
CA ARG F 24 -21.55 -48.93 0.52
C ARG F 24 -20.22 -49.04 -0.22
N SER F 25 -20.00 -50.16 -0.89
CA SER F 25 -18.76 -50.35 -1.64
C SER F 25 -18.94 -49.89 -3.08
N SER F 26 -17.89 -49.24 -3.63
CA SER F 26 -17.96 -48.74 -5.00
C SER F 26 -18.21 -49.86 -5.98
N GLN F 27 -17.86 -51.10 -5.60
CA GLN F 27 -18.11 -52.28 -6.42
C GLN F 27 -18.40 -53.43 -5.48
N SER F 28 -18.86 -54.55 -6.04
CA SER F 28 -19.26 -55.66 -5.19
C SER F 28 -18.05 -56.23 -4.45
N ILE F 29 -18.29 -56.71 -3.23
CA ILE F 29 -17.24 -57.34 -2.44
C ILE F 29 -17.56 -58.80 -2.15
N VAL F 30 -18.55 -59.37 -2.85
CA VAL F 30 -18.80 -60.80 -2.75
C VAL F 30 -17.80 -61.51 -3.63
N HIS F 31 -17.15 -62.53 -3.09
CA HIS F 31 -15.99 -63.14 -3.72
C HIS F 31 -16.40 -64.38 -4.51
N SER F 32 -15.40 -64.92 -5.22
CA SER F 32 -15.51 -66.18 -5.94
C SER F 32 -16.35 -67.19 -5.17
N ASN F 33 -15.88 -67.57 -3.98
CA ASN F 33 -16.43 -68.58 -3.08
C ASN F 33 -17.77 -68.21 -2.47
N GLY F 34 -18.38 -67.08 -2.83
CA GLY F 34 -19.61 -66.66 -2.20
C GLY F 34 -19.47 -66.00 -0.85
N ASN F 35 -18.25 -65.77 -0.39
CA ASN F 35 -18.05 -65.10 0.88
C ASN F 35 -17.83 -63.63 0.67
N THR F 36 -18.27 -62.85 1.64
N THR F 36 -18.33 -62.83 1.62
CA THR F 36 -18.12 -61.40 1.63
CA THR F 36 -18.12 -61.39 1.63
C THR F 36 -17.28 -61.02 2.83
C THR F 36 -17.26 -61.06 2.84
N TYR F 37 -16.03 -60.63 2.57
CA TYR F 37 -15.07 -60.34 3.64
C TYR F 37 -15.21 -58.89 4.11
N LEU F 38 -16.42 -58.54 4.56
CA LEU F 38 -16.67 -57.24 5.13
C LEU F 38 -16.55 -57.31 6.66
N GLU F 39 -15.69 -56.47 7.21
CA GLU F 39 -15.50 -56.41 8.66
C GLU F 39 -15.85 -55.02 9.18
N TRP F 40 -16.18 -54.96 10.47
CA TRP F 40 -16.33 -53.69 11.17
C TRP F 40 -15.33 -53.63 12.31
N TYR F 41 -14.55 -52.56 12.34
CA TYR F 41 -13.62 -52.28 13.42
C TYR F 41 -14.07 -51.07 14.22
N LEU F 42 -13.82 -51.11 15.51
CA LEU F 42 -14.08 -49.98 16.38
C LEU F 42 -12.74 -49.48 16.92
N GLN F 43 -12.48 -48.19 16.78
CA GLN F 43 -11.30 -47.59 17.38
C GLN F 43 -11.76 -46.56 18.41
N LYS F 44 -11.52 -46.87 19.67
CA LYS F 44 -11.82 -45.97 20.76
C LYS F 44 -10.69 -44.94 20.90
N PRO F 45 -10.97 -43.82 21.55
CA PRO F 45 -9.96 -42.76 21.66
C PRO F 45 -8.68 -43.27 22.31
N GLY F 46 -7.56 -43.02 21.64
CA GLY F 46 -6.26 -43.47 22.11
C GLY F 46 -5.97 -44.95 21.98
N GLN F 47 -6.76 -45.73 21.25
CA GLN F 47 -6.54 -47.17 21.24
C GLN F 47 -6.32 -47.65 19.80
N SER F 48 -5.82 -48.87 19.71
CA SER F 48 -5.81 -49.45 18.38
C SER F 48 -7.21 -49.90 18.01
N PRO F 49 -7.52 -49.97 16.72
CA PRO F 49 -8.82 -50.51 16.32
C PRO F 49 -8.97 -51.91 16.88
N LYS F 50 -10.23 -52.32 17.05
CA LYS F 50 -10.60 -53.66 17.50
C LYS F 50 -11.66 -54.20 16.57
N LEU F 51 -11.58 -55.51 16.30
CA LEU F 51 -12.52 -56.17 15.40
C LEU F 51 -13.87 -56.35 16.09
N LEU F 52 -14.95 -55.97 15.42
CA LEU F 52 -16.30 -56.19 15.92
C LEU F 52 -16.99 -57.33 15.18
N ILE F 53 -17.13 -57.17 13.87
CA ILE F 53 -17.81 -58.11 13.01
C ILE F 53 -16.85 -58.50 11.90
N TYR F 54 -16.89 -59.79 11.57
CA TYR F 54 -16.14 -60.32 10.42
C TYR F 54 -17.17 -60.98 9.49
N LYS F 55 -16.88 -61.05 8.20
CA LYS F 55 -17.75 -61.72 7.21
C LYS F 55 -19.20 -61.24 7.28
N VAL F 56 -19.42 -59.93 7.30
CA VAL F 56 -20.76 -59.28 7.28
C VAL F 56 -21.53 -59.39 8.59
N SER F 57 -21.76 -60.58 9.11
CA SER F 57 -22.66 -60.75 10.26
C SER F 57 -22.05 -61.51 11.44
N ASN F 58 -20.79 -61.89 11.37
CA ASN F 58 -20.28 -62.72 12.46
C ASN F 58 -19.62 -61.87 13.53
N ARG F 59 -20.14 -62.00 14.74
CA ARG F 59 -19.63 -61.23 15.87
C ARG F 59 -18.31 -61.81 16.35
N PHE F 60 -17.32 -60.94 16.57
CA PHE F 60 -16.03 -61.39 17.06
C PHE F 60 -16.11 -61.86 18.51
N SER F 61 -15.24 -62.81 18.85
CA SER F 61 -15.18 -63.38 20.19
C SER F 61 -15.22 -62.30 21.27
N GLY F 62 -16.18 -62.41 22.18
CA GLY F 62 -16.32 -61.44 23.24
C GLY F 62 -17.04 -60.14 22.89
N VAL F 63 -17.55 -59.97 21.68
CA VAL F 63 -18.25 -58.74 21.34
C VAL F 63 -19.70 -58.86 21.78
N PRO F 64 -20.25 -57.86 22.47
CA PRO F 64 -21.62 -58.00 22.99
C PRO F 64 -22.63 -58.20 21.88
N ASP F 65 -23.70 -58.93 22.21
CA ASP F 65 -24.70 -59.15 21.16
C ASP F 65 -25.51 -57.88 20.83
N ARG F 66 -25.17 -56.73 21.41
CA ARG F 66 -25.80 -55.47 20.98
C ARG F 66 -25.38 -55.09 19.57
N PHE F 67 -24.19 -55.50 19.14
CA PHE F 67 -23.65 -55.20 17.83
C PHE F 67 -24.04 -56.30 16.86
N SER F 68 -24.58 -55.91 15.72
CA SER F 68 -24.89 -56.89 14.68
C SER F 68 -24.67 -56.27 13.32
N GLY F 69 -24.28 -57.11 12.38
CA GLY F 69 -24.01 -56.67 11.03
C GLY F 69 -24.89 -57.44 10.07
N SER F 70 -25.27 -56.76 8.99
CA SER F 70 -26.04 -57.37 7.93
C SER F 70 -25.60 -56.71 6.63
N GLY F 71 -26.20 -57.14 5.53
CA GLY F 71 -25.84 -56.52 4.27
C GLY F 71 -25.77 -57.52 3.15
N SER F 72 -25.71 -57.03 1.92
CA SER F 72 -25.70 -57.90 0.75
C SER F 72 -25.16 -57.11 -0.44
N GLY F 73 -24.11 -57.63 -1.06
CA GLY F 73 -23.60 -57.07 -2.30
C GLY F 73 -22.73 -55.84 -2.16
N THR F 74 -23.36 -54.68 -1.96
CA THR F 74 -22.64 -53.41 -1.83
C THR F 74 -23.12 -52.55 -0.67
N ASP F 75 -24.25 -52.87 -0.03
CA ASP F 75 -24.78 -52.15 1.11
C ASP F 75 -24.66 -53.01 2.34
N PHE F 76 -23.99 -52.50 3.36
CA PHE F 76 -23.74 -53.23 4.60
C PHE F 76 -24.05 -52.31 5.78
N THR F 77 -24.54 -52.90 6.86
CA THR F 77 -24.99 -52.12 8.01
C THR F 77 -24.50 -52.73 9.30
N LEU F 78 -23.94 -51.88 10.17
CA LEU F 78 -23.67 -52.22 11.56
C LEU F 78 -24.73 -51.58 12.42
N LYS F 79 -25.31 -52.36 13.33
CA LYS F 79 -26.36 -51.90 14.20
C LYS F 79 -25.95 -52.12 15.64
N ILE F 80 -26.04 -51.06 16.44
CA ILE F 80 -25.89 -51.16 17.89
C ILE F 80 -27.28 -50.98 18.46
N SER F 81 -27.80 -52.03 19.11
CA SER F 81 -29.22 -52.05 19.42
C SER F 81 -29.56 -51.18 20.63
N ARG F 82 -28.70 -51.12 21.65
CA ARG F 82 -28.92 -50.26 22.82
C ARG F 82 -27.58 -49.66 23.24
N VAL F 83 -27.35 -48.42 22.80
CA VAL F 83 -26.03 -47.82 22.92
C VAL F 83 -25.65 -47.63 24.39
N GLU F 84 -24.38 -47.88 24.68
CA GLU F 84 -23.81 -47.67 26.00
C GLU F 84 -22.67 -46.67 25.89
N ALA F 85 -22.40 -46.00 27.01
CA ALA F 85 -21.44 -44.91 27.02
C ALA F 85 -20.10 -45.35 26.46
N GLU F 86 -19.72 -46.61 26.71
CA GLU F 86 -18.46 -47.22 26.27
C GLU F 86 -18.39 -47.44 24.76
N ASP F 87 -19.49 -47.23 24.04
CA ASP F 87 -19.46 -47.58 22.63
C ASP F 87 -18.93 -46.46 21.76
N LEU F 88 -18.61 -45.30 22.32
CA LEU F 88 -18.18 -44.20 21.46
C LEU F 88 -16.80 -44.48 20.88
N GLY F 89 -16.57 -43.90 19.71
CA GLY F 89 -15.36 -44.11 18.97
C GLY F 89 -15.63 -43.99 17.49
N VAL F 90 -14.67 -44.40 16.69
CA VAL F 90 -14.81 -44.36 15.25
C VAL F 90 -14.94 -45.80 14.76
N TYR F 91 -16.06 -46.07 14.10
CA TYR F 91 -16.37 -47.37 13.53
C TYR F 91 -15.92 -47.33 12.08
N TYR F 92 -15.10 -48.31 11.70
CA TYR F 92 -14.64 -48.43 10.34
C TYR F 92 -15.16 -49.73 9.75
N CYS F 93 -15.70 -49.66 8.55
CA CYS F 93 -15.85 -50.90 7.80
C CYS F 93 -14.58 -51.13 7.01
N PHE F 94 -14.42 -52.37 6.53
CA PHE F 94 -13.20 -52.79 5.86
C PHE F 94 -13.53 -54.00 5.00
N GLN F 95 -13.13 -53.96 3.74
CA GLN F 95 -13.33 -55.08 2.84
C GLN F 95 -11.97 -55.74 2.61
N GLY F 96 -11.93 -57.07 2.77
CA GLY F 96 -10.74 -57.84 2.47
C GLY F 96 -10.98 -58.80 1.33
N SER F 97 -11.95 -58.46 0.47
CA SER F 97 -12.31 -59.30 -0.68
C SER F 97 -11.42 -59.06 -1.89
N HIS F 98 -10.87 -57.86 -2.06
CA HIS F 98 -10.12 -57.54 -3.26
C HIS F 98 -8.93 -56.65 -2.92
N VAL F 99 -7.75 -57.05 -3.37
CA VAL F 99 -6.55 -56.21 -3.19
C VAL F 99 -6.63 -55.03 -4.14
N PRO F 100 -6.30 -53.80 -3.70
CA PRO F 100 -5.89 -53.51 -2.33
C PRO F 100 -7.08 -53.46 -1.39
N TYR F 101 -6.87 -53.96 -0.18
CA TYR F 101 -7.90 -53.88 0.85
C TYR F 101 -8.09 -52.42 1.26
N THR F 102 -9.33 -52.09 1.63
CA THR F 102 -9.69 -50.70 1.85
C THR F 102 -10.68 -50.56 3.01
N PHE F 103 -10.47 -49.51 3.80
CA PHE F 103 -11.37 -49.09 4.87
C PHE F 103 -12.31 -48.01 4.37
N GLY F 104 -13.48 -47.94 4.99
CA GLY F 104 -14.27 -46.75 4.89
C GLY F 104 -13.61 -45.60 5.64
N GLY F 105 -14.12 -44.38 5.40
CA GLY F 105 -13.60 -43.18 6.04
C GLY F 105 -13.91 -43.08 7.52
N GLY F 106 -14.76 -43.97 8.03
CA GLY F 106 -15.06 -43.97 9.45
C GLY F 106 -16.33 -43.19 9.77
N THR F 107 -16.89 -43.52 10.93
CA THR F 107 -18.09 -42.91 11.49
C THR F 107 -17.80 -42.67 12.95
N LYS F 108 -17.85 -41.41 13.39
CA LYS F 108 -17.65 -41.12 14.80
C LYS F 108 -18.99 -41.25 15.53
N LEU F 109 -19.04 -42.15 16.50
CA LEU F 109 -20.23 -42.33 17.32
C LEU F 109 -20.11 -41.40 18.52
N GLU F 110 -21.11 -40.53 18.69
CA GLU F 110 -21.11 -39.54 19.74
C GLU F 110 -22.36 -39.71 20.58
N ILE F 111 -22.19 -39.69 21.89
CA ILE F 111 -23.30 -39.87 22.81
C ILE F 111 -23.97 -38.52 23.06
N LYS F 112 -25.28 -38.44 22.80
CA LYS F 112 -26.05 -37.28 23.22
C LYS F 112 -26.42 -37.45 24.68
N ARG F 113 -26.33 -36.38 25.46
CA ARG F 113 -26.73 -36.45 26.87
C ARG F 113 -27.21 -35.09 27.34
N ALA F 114 -27.62 -35.04 28.60
CA ALA F 114 -28.09 -33.79 29.19
C ALA F 114 -26.94 -32.81 29.34
N ASP F 115 -27.26 -31.52 29.22
CA ASP F 115 -26.26 -30.48 29.42
C ASP F 115 -25.59 -30.66 30.77
N ALA F 116 -24.35 -30.22 30.85
CA ALA F 116 -23.62 -30.21 32.10
C ALA F 116 -22.71 -29.00 32.09
N ALA F 117 -22.70 -28.27 33.18
CA ALA F 117 -21.84 -27.10 33.24
C ALA F 117 -20.41 -27.48 33.60
N PRO F 118 -19.44 -26.77 33.05
CA PRO F 118 -18.03 -27.09 33.32
C PRO F 118 -17.60 -26.73 34.74
N THR F 119 -16.61 -27.47 35.23
CA THR F 119 -15.92 -27.16 36.47
C THR F 119 -14.60 -26.50 36.10
N VAL F 120 -14.40 -25.27 36.53
CA VAL F 120 -13.33 -24.43 36.01
C VAL F 120 -12.30 -24.19 37.11
N SER F 121 -11.03 -24.37 36.77
CA SER F 121 -9.93 -24.12 37.69
C SER F 121 -8.88 -23.33 36.94
N ILE F 122 -8.34 -22.29 37.58
CA ILE F 122 -7.31 -21.44 37.00
C ILE F 122 -6.02 -21.67 37.76
N PHE F 123 -4.90 -21.56 37.06
CA PHE F 123 -3.60 -21.82 37.64
C PHE F 123 -2.60 -20.77 37.18
N PRO F 124 -1.92 -20.11 38.11
CA PRO F 124 -0.91 -19.12 37.73
C PRO F 124 0.36 -19.78 37.21
N PRO F 125 1.24 -19.04 36.56
CA PRO F 125 2.50 -19.64 36.10
C PRO F 125 3.26 -20.18 37.28
N SER F 126 3.96 -21.28 37.06
CA SER F 126 4.77 -21.86 38.11
C SER F 126 6.06 -21.06 38.25
N SER F 127 6.58 -21.01 39.48
CA SER F 127 7.92 -20.44 39.69
C SER F 127 8.92 -21.06 38.74
N GLU F 128 8.81 -22.37 38.51
CA GLU F 128 9.69 -23.05 37.57
C GLU F 128 9.67 -22.37 36.20
N GLN F 129 8.47 -22.09 35.68
CA GLN F 129 8.40 -21.51 34.34
C GLN F 129 8.82 -20.05 34.32
N LEU F 130 8.53 -19.31 35.40
CA LEU F 130 8.89 -17.91 35.43
C LEU F 130 10.39 -17.72 35.26
N THR F 131 11.20 -18.48 35.99
CA THR F 131 12.64 -18.30 35.99
C THR F 131 13.26 -18.54 34.61
N SER F 132 12.44 -18.88 33.62
CA SER F 132 12.94 -19.07 32.26
C SER F 132 12.38 -18.05 31.28
N GLY F 133 11.62 -17.05 31.77
CA GLY F 133 11.10 -15.98 30.94
C GLY F 133 9.68 -16.14 30.48
N GLY F 134 9.13 -17.35 30.58
CA GLY F 134 7.77 -17.59 30.15
C GLY F 134 6.79 -17.51 31.31
N ALA F 135 5.54 -17.22 30.97
CA ALA F 135 4.49 -17.18 31.98
C ALA F 135 3.21 -17.73 31.33
N SER F 136 2.90 -18.97 31.63
CA SER F 136 1.69 -19.60 31.14
C SER F 136 0.63 -19.57 32.22
N VAL F 137 -0.57 -19.13 31.85
CA VAL F 137 -1.73 -19.23 32.73
C VAL F 137 -2.63 -20.30 32.14
N VAL F 138 -3.08 -21.20 33.01
CA VAL F 138 -3.83 -22.37 32.58
C VAL F 138 -5.19 -22.36 33.22
N CYS F 139 -6.19 -22.68 32.40
CA CYS F 139 -7.57 -22.82 32.81
C CYS F 139 -8.04 -24.20 32.39
N PHE F 140 -8.53 -24.99 33.34
CA PHE F 140 -9.12 -26.30 33.04
C PHE F 140 -10.62 -26.18 33.13
N LEU F 141 -11.30 -26.73 32.13
CA LEU F 141 -12.76 -26.75 32.03
C LEU F 141 -13.16 -28.20 31.88
N ASN F 142 -13.67 -28.80 32.96
CA ASN F 142 -13.81 -30.25 33.04
C ASN F 142 -15.26 -30.71 33.08
N ASN F 143 -15.53 -31.79 32.33
CA ASN F 143 -16.80 -32.52 32.39
C ASN F 143 -17.99 -31.61 32.11
N PHE F 144 -18.04 -31.08 30.90
CA PHE F 144 -19.18 -30.33 30.41
C PHE F 144 -19.73 -31.00 29.17
N TYR F 145 -20.97 -30.63 28.84
CA TYR F 145 -21.65 -31.11 27.64
C TYR F 145 -22.74 -30.12 27.30
N PRO F 146 -22.92 -29.77 26.02
CA PRO F 146 -22.12 -30.25 24.88
C PRO F 146 -20.72 -29.65 24.89
N LYS F 147 -19.83 -30.06 23.98
CA LYS F 147 -18.46 -29.55 24.00
C LYS F 147 -18.37 -28.09 23.56
N ASP F 148 -19.45 -27.50 23.06
CA ASP F 148 -19.40 -26.13 22.58
C ASP F 148 -19.13 -25.21 23.76
N ILE F 149 -18.04 -24.45 23.67
CA ILE F 149 -17.68 -23.59 24.79
C ILE F 149 -16.80 -22.47 24.26
N ASN F 150 -16.82 -21.34 24.95
CA ASN F 150 -16.01 -20.20 24.56
C ASN F 150 -15.26 -19.70 25.78
N VAL F 151 -13.95 -19.62 25.67
CA VAL F 151 -13.10 -19.16 26.74
C VAL F 151 -12.58 -17.78 26.35
N LYS F 152 -12.74 -16.81 27.23
CA LYS F 152 -12.14 -15.50 27.05
C LYS F 152 -11.10 -15.32 28.15
N TRP F 153 -9.88 -14.99 27.75
CA TRP F 153 -8.89 -14.56 28.71
C TRP F 153 -8.97 -13.05 28.85
N LYS F 154 -8.93 -12.57 30.09
CA LYS F 154 -8.92 -11.15 30.39
C LYS F 154 -7.69 -10.84 31.23
N ILE F 155 -7.05 -9.72 30.94
CA ILE F 155 -5.93 -9.24 31.72
C ILE F 155 -6.25 -7.81 32.16
N ASP F 156 -6.31 -7.60 33.47
CA ASP F 156 -6.69 -6.30 34.05
C ASP F 156 -7.95 -5.76 33.38
N GLY F 157 -8.91 -6.64 33.13
CA GLY F 157 -10.22 -6.22 32.68
C GLY F 157 -10.43 -6.23 31.18
N SER F 158 -9.38 -6.32 30.37
CA SER F 158 -9.54 -6.33 28.93
C SER F 158 -9.13 -7.68 28.34
N GLU F 159 -9.88 -8.10 27.32
CA GLU F 159 -9.70 -9.37 26.66
C GLU F 159 -8.34 -9.46 25.97
N VAL F 160 -7.90 -10.70 25.73
CA VAL F 160 -6.67 -10.98 25.01
C VAL F 160 -6.85 -12.29 24.25
N GLN F 161 -6.37 -12.32 23.00
CA GLN F 161 -6.56 -13.48 22.12
C GLN F 161 -5.25 -14.08 21.59
N ASN F 162 -4.17 -13.31 21.50
CA ASN F 162 -2.90 -13.86 21.05
C ASN F 162 -2.21 -14.61 22.18
N GLY F 163 -1.59 -15.73 21.86
CA GLY F 163 -0.90 -16.54 22.85
C GLY F 163 -1.73 -17.61 23.53
N VAL F 164 -2.93 -17.92 23.01
CA VAL F 164 -3.86 -18.85 23.62
C VAL F 164 -3.86 -20.16 22.85
N LEU F 165 -3.76 -21.28 23.58
CA LEU F 165 -3.82 -22.61 22.97
C LEU F 165 -4.88 -23.43 23.70
N ASN F 166 -5.86 -23.91 22.93
CA ASN F 166 -6.98 -24.70 23.46
C ASN F 166 -6.88 -26.14 23.00
N SER F 167 -7.28 -27.05 23.88
CA SER F 167 -7.27 -28.46 23.58
C SER F 167 -8.47 -29.12 24.27
N TRP F 168 -9.27 -29.84 23.48
CA TRP F 168 -10.41 -30.60 23.98
C TRP F 168 -10.05 -32.07 24.12
N THR F 169 -10.59 -32.70 25.16
CA THR F 169 -10.53 -34.14 25.24
C THR F 169 -11.48 -34.73 24.21
N ASP F 170 -11.38 -36.05 24.00
CA ASP F 170 -12.47 -36.75 23.34
C ASP F 170 -13.59 -36.96 24.33
N GLN F 171 -14.74 -37.41 23.83
CA GLN F 171 -15.85 -37.66 24.75
C GLN F 171 -15.50 -38.76 25.75
N ASP F 172 -15.90 -38.55 27.00
CA ASP F 172 -15.66 -39.49 28.08
C ASP F 172 -16.51 -40.75 27.94
N SER F 173 -15.86 -41.92 27.94
CA SER F 173 -16.57 -43.19 27.80
C SER F 173 -17.44 -43.53 29.00
N LYS F 174 -17.33 -42.79 30.10
CA LYS F 174 -18.09 -43.09 31.31
C LYS F 174 -19.28 -42.15 31.48
N ASP F 175 -19.04 -40.83 31.49
CA ASP F 175 -20.11 -39.87 31.69
C ASP F 175 -20.42 -39.05 30.44
N SER F 176 -19.76 -39.35 29.32
CA SER F 176 -20.07 -38.74 28.04
C SER F 176 -19.85 -37.22 28.02
N THR F 177 -19.14 -36.67 29.00
CA THR F 177 -18.82 -35.25 28.94
C THR F 177 -17.50 -35.06 28.19
N TYR F 178 -17.17 -33.80 27.97
CA TYR F 178 -15.89 -33.36 27.42
C TYR F 178 -15.17 -32.55 28.49
N SER F 179 -13.89 -32.37 28.28
CA SER F 179 -13.10 -31.47 29.10
C SER F 179 -12.20 -30.70 28.15
N MET F 180 -11.73 -29.55 28.62
CA MET F 180 -10.88 -28.72 27.77
C MET F 180 -9.89 -27.94 28.62
N SER F 181 -8.70 -27.73 28.05
CA SER F 181 -7.69 -26.92 28.71
C SER F 181 -7.31 -25.73 27.82
N SER F 182 -7.19 -24.57 28.45
CA SER F 182 -6.85 -23.33 27.78
C SER F 182 -5.64 -22.75 28.47
N THR F 183 -4.64 -22.34 27.69
CA THR F 183 -3.38 -21.87 28.21
C THR F 183 -3.04 -20.54 27.55
N LEU F 184 -2.89 -19.51 28.38
CA LEU F 184 -2.46 -18.20 27.91
C LEU F 184 -0.98 -18.08 28.24
N THR F 185 -0.16 -17.86 27.24
CA THR F 185 1.27 -17.80 27.48
C THR F 185 1.76 -16.39 27.18
N LEU F 186 2.39 -15.79 28.18
CA LEU F 186 3.02 -14.49 28.09
C LEU F 186 4.50 -14.65 28.35
N THR F 187 5.22 -13.57 28.13
CA THR F 187 6.56 -13.49 28.69
C THR F 187 6.46 -13.15 30.17
N LYS F 188 7.50 -13.51 30.93
CA LYS F 188 7.51 -13.12 32.33
C LYS F 188 7.31 -11.61 32.47
N ASP F 189 8.05 -10.82 31.71
CA ASP F 189 7.99 -9.37 31.88
C ASP F 189 6.58 -8.85 31.65
N GLU F 190 5.88 -9.34 30.62
CA GLU F 190 4.50 -8.89 30.46
C GLU F 190 3.61 -9.40 31.59
N TYR F 191 3.87 -10.62 32.09
CA TYR F 191 3.08 -11.12 33.20
C TYR F 191 3.16 -10.19 34.39
N GLU F 192 4.36 -9.70 34.68
CA GLU F 192 4.59 -8.84 35.83
C GLU F 192 4.18 -7.39 35.61
N ARG F 193 3.65 -7.05 34.44
CA ARG F 193 3.16 -5.70 34.18
C ARG F 193 1.66 -5.58 34.36
N HIS F 194 0.99 -6.65 34.81
CA HIS F 194 -0.45 -6.65 35.02
C HIS F 194 -0.75 -7.41 36.30
N ASN F 195 -1.97 -7.26 36.78
CA ASN F 195 -2.32 -7.83 38.08
C ASN F 195 -3.37 -8.93 37.99
N SER F 196 -4.43 -8.72 37.23
CA SER F 196 -5.63 -9.53 37.30
C SER F 196 -5.70 -10.49 36.11
N TYR F 197 -5.73 -11.78 36.39
CA TYR F 197 -5.75 -12.81 35.36
C TYR F 197 -7.03 -13.64 35.51
N THR F 198 -7.84 -13.67 34.44
CA THR F 198 -9.18 -14.22 34.45
C THR F 198 -9.39 -15.10 33.22
N CYS F 199 -10.08 -16.23 33.40
CA CYS F 199 -10.59 -17.00 32.27
C CYS F 199 -12.10 -17.04 32.43
N GLU F 200 -12.79 -16.61 31.39
CA GLU F 200 -14.24 -16.52 31.37
C GLU F 200 -14.75 -17.56 30.40
N ALA F 201 -15.60 -18.45 30.88
CA ALA F 201 -16.13 -19.53 30.07
C ALA F 201 -17.61 -19.30 29.88
N THR F 202 -18.05 -19.20 28.64
CA THR F 202 -19.48 -19.18 28.37
C THR F 202 -19.91 -20.52 27.81
N HIS F 203 -20.95 -21.06 28.41
CA HIS F 203 -21.48 -22.35 28.04
C HIS F 203 -23.00 -22.25 28.09
N LYS F 204 -23.68 -23.02 27.24
CA LYS F 204 -25.13 -22.87 27.09
C LYS F 204 -25.88 -23.11 28.39
N THR F 205 -25.25 -23.73 29.38
CA THR F 205 -25.92 -24.03 30.64
C THR F 205 -26.13 -22.79 31.50
N SER F 206 -25.71 -21.62 31.04
CA SER F 206 -25.90 -20.40 31.80
C SER F 206 -25.59 -19.20 30.93
N THR F 207 -26.42 -18.16 31.06
CA THR F 207 -26.10 -16.89 30.41
C THR F 207 -24.98 -16.14 31.14
N SER F 208 -24.81 -16.40 32.42
CA SER F 208 -23.68 -15.80 33.10
C SER F 208 -22.43 -16.63 32.88
N PRO F 209 -21.28 -16.02 32.58
CA PRO F 209 -20.05 -16.79 32.42
C PRO F 209 -19.58 -17.40 33.73
N ILE F 210 -18.92 -18.56 33.62
CA ILE F 210 -18.12 -19.05 34.73
C ILE F 210 -16.77 -18.37 34.68
N VAL F 211 -16.33 -17.85 35.81
CA VAL F 211 -15.20 -16.93 35.88
C VAL F 211 -14.30 -17.36 37.02
N LYS F 212 -13.03 -17.61 36.70
CA LYS F 212 -12.02 -17.86 37.70
C LYS F 212 -10.93 -16.83 37.48
N SER F 213 -10.51 -16.19 38.57
CA SER F 213 -9.53 -15.13 38.49
C SER F 213 -8.52 -15.29 39.61
N PHE F 214 -7.39 -14.62 39.44
CA PHE F 214 -6.44 -14.45 40.52
C PHE F 214 -5.73 -13.13 40.25
N ASN F 215 -5.08 -12.62 41.29
CA ASN F 215 -4.24 -11.43 41.21
C ASN F 215 -2.81 -11.85 41.45
N ARG F 216 -1.91 -11.46 40.55
CA ARG F 216 -0.52 -11.82 40.73
C ARG F 216 -0.04 -11.33 42.10
N ASN F 217 0.65 -12.21 42.83
CA ASN F 217 1.20 -11.89 44.14
C ASN F 217 0.11 -11.56 45.17
N GLU F 218 -1.04 -12.23 45.08
CA GLU F 218 -2.08 -12.09 46.10
C GLU F 218 -2.75 -13.44 46.33
N CYS F 219 -3.58 -13.48 47.36
CA CYS F 219 -4.39 -14.67 47.66
C CYS F 219 -5.84 -14.47 47.21
#